data_1EF4
#
_entry.id   1EF4
#
_cell.length_a   1.000
_cell.length_b   1.000
_cell.length_c   1.000
_cell.angle_alpha   90.00
_cell.angle_beta   90.00
_cell.angle_gamma   90.00
#
_symmetry.space_group_name_H-M   'P 1'
#
loop_
_entity.id
_entity.type
_entity.pdbx_description
1 polymer 'DNA-DIRECTED RNA POLYMERASE'
2 non-polymer 'ZINC ION'
#
_entity_poly.entity_id   1
_entity_poly.type   'polypeptide(L)'
_entity_poly.pdbx_seq_one_letter_code
;MIPVRCLSCGKPVSAYFNEYQRRVADGEDPKDVLDDLGLKRYCCRRMLISHVETW
;
_entity_poly.pdbx_strand_id   A
#
# COMPACT_ATOMS: atom_id res chain seq x y z
N MET A 1 -6.67 -6.70 1.71
CA MET A 1 -5.25 -7.00 1.58
C MET A 1 -5.03 -8.48 1.28
N ILE A 2 -4.07 -8.75 0.41
CA ILE A 2 -3.74 -10.12 0.03
C ILE A 2 -3.30 -10.91 1.27
N PRO A 3 -3.77 -12.16 1.41
CA PRO A 3 -3.41 -13.02 2.54
C PRO A 3 -2.04 -13.63 2.34
N VAL A 4 -1.58 -14.40 3.32
CA VAL A 4 -0.30 -15.07 3.18
C VAL A 4 0.85 -14.05 3.11
N ARG A 5 0.99 -13.43 1.95
CA ARG A 5 2.05 -12.46 1.71
C ARG A 5 2.05 -11.36 2.78
N CYS A 6 2.96 -10.42 2.62
CA CYS A 6 3.09 -9.31 3.56
C CYS A 6 2.50 -8.02 3.00
N LEU A 7 1.28 -7.71 3.42
CA LEU A 7 0.61 -6.49 3.00
C LEU A 7 0.00 -5.82 4.21
N SER A 8 0.78 -5.73 5.28
CA SER A 8 0.33 -5.12 6.53
C SER A 8 1.44 -5.15 7.57
N CYS A 9 1.95 -6.35 7.85
CA CYS A 9 3.03 -6.51 8.82
C CYS A 9 2.57 -6.15 10.23
N GLY A 10 1.26 -6.06 10.44
CA GLY A 10 0.74 -5.73 11.75
C GLY A 10 -0.43 -4.76 11.68
N LYS A 11 -0.42 -3.89 10.69
CA LYS A 11 -1.48 -2.92 10.51
C LYS A 11 -2.18 -3.11 9.17
N PRO A 12 -3.53 -3.04 9.15
CA PRO A 12 -4.31 -3.22 7.93
C PRO A 12 -3.92 -2.23 6.84
N VAL A 13 -3.81 -2.72 5.60
CA VAL A 13 -3.46 -1.87 4.47
C VAL A 13 -4.65 -1.67 3.54
N SER A 14 -5.68 -2.51 3.68
CA SER A 14 -6.87 -2.41 2.85
C SER A 14 -7.54 -1.04 3.00
N ALA A 15 -7.88 -0.70 4.23
CA ALA A 15 -8.53 0.59 4.50
C ALA A 15 -7.70 1.74 3.96
N TYR A 16 -6.38 1.56 3.95
CA TYR A 16 -5.48 2.59 3.47
C TYR A 16 -5.26 2.49 1.96
N PHE A 17 -5.43 1.28 1.42
CA PHE A 17 -5.26 1.05 -0.01
C PHE A 17 -6.03 2.10 -0.81
N ASN A 18 -7.10 2.61 -0.23
CA ASN A 18 -7.92 3.63 -0.87
C ASN A 18 -7.08 4.89 -1.11
N GLU A 19 -6.24 5.23 -0.13
CA GLU A 19 -5.37 6.39 -0.24
C GLU A 19 -4.42 6.23 -1.43
N TYR A 20 -3.74 5.09 -1.48
CA TYR A 20 -2.82 4.79 -2.58
C TYR A 20 -3.54 4.94 -3.91
N GLN A 21 -4.72 4.35 -4.01
CA GLN A 21 -5.52 4.40 -5.23
C GLN A 21 -5.80 5.85 -5.62
N ARG A 22 -6.44 6.58 -4.73
CA ARG A 22 -6.78 7.98 -4.97
C ARG A 22 -5.54 8.77 -5.41
N ARG A 23 -4.48 8.67 -4.63
CA ARG A 23 -3.24 9.36 -4.94
C ARG A 23 -2.68 8.93 -6.28
N VAL A 24 -2.29 7.66 -6.37
CA VAL A 24 -1.73 7.12 -7.62
C VAL A 24 -2.61 7.47 -8.80
N ALA A 25 -3.91 7.59 -8.56
CA ALA A 25 -4.85 7.93 -9.62
C ALA A 25 -4.57 9.31 -10.19
N ASP A 26 -4.58 10.31 -9.32
CA ASP A 26 -4.30 11.68 -9.73
C ASP A 26 -2.87 11.83 -10.21
N GLY A 27 -1.98 11.02 -9.65
CA GLY A 27 -0.58 11.08 -10.03
C GLY A 27 0.33 11.47 -8.88
N GLU A 28 -0.10 11.13 -7.67
CA GLU A 28 0.68 11.44 -6.48
C GLU A 28 1.69 10.34 -6.18
N ASP A 29 2.84 10.74 -5.64
CA ASP A 29 3.89 9.79 -5.30
C ASP A 29 3.36 8.71 -4.36
N PRO A 30 3.17 7.47 -4.86
CA PRO A 30 2.68 6.37 -4.03
C PRO A 30 3.55 6.14 -2.80
N LYS A 31 4.86 6.16 -2.99
CA LYS A 31 5.80 5.98 -1.89
C LYS A 31 5.43 6.91 -0.75
N ASP A 32 4.99 8.11 -1.09
CA ASP A 32 4.54 9.07 -0.10
C ASP A 32 3.27 8.53 0.56
N VAL A 33 2.41 7.93 -0.24
CA VAL A 33 1.19 7.32 0.26
C VAL A 33 1.55 6.21 1.24
N LEU A 34 2.54 5.40 0.87
CA LEU A 34 2.99 4.31 1.72
C LEU A 34 3.22 4.81 3.14
N ASP A 35 3.76 6.02 3.24
CA ASP A 35 4.00 6.64 4.52
C ASP A 35 2.67 6.84 5.25
N ASP A 36 1.63 7.21 4.48
CA ASP A 36 0.31 7.42 5.04
C ASP A 36 -0.39 6.07 5.26
N LEU A 37 -0.28 5.18 4.28
CA LEU A 37 -0.87 3.85 4.37
C LEU A 37 -0.60 3.22 5.72
N GLY A 38 0.65 3.35 6.18
CA GLY A 38 1.03 2.80 7.47
C GLY A 38 1.32 1.32 7.41
N LEU A 39 2.24 0.93 6.53
CA LEU A 39 2.61 -0.47 6.38
C LEU A 39 4.04 -0.71 6.88
N LYS A 40 4.15 -1.12 8.14
CA LYS A 40 5.45 -1.37 8.75
C LYS A 40 6.31 -2.28 7.86
N ARG A 41 7.60 -2.02 7.85
CA ARG A 41 8.53 -2.82 7.05
C ARG A 41 8.22 -2.67 5.56
N TYR A 42 9.27 -2.43 4.78
CA TYR A 42 9.11 -2.26 3.33
C TYR A 42 8.83 -3.60 2.65
N CYS A 43 9.06 -4.70 3.36
CA CYS A 43 8.82 -6.03 2.80
C CYS A 43 7.45 -6.10 2.15
N CYS A 44 6.52 -5.30 2.66
CA CYS A 44 5.17 -5.25 2.10
C CYS A 44 5.10 -4.23 0.97
N ARG A 45 5.46 -2.99 1.27
CA ARG A 45 5.44 -1.92 0.28
C ARG A 45 6.12 -2.37 -1.02
N ARG A 46 7.37 -2.81 -0.92
CA ARG A 46 8.12 -3.26 -2.08
C ARG A 46 7.26 -4.12 -3.01
N MET A 47 6.35 -4.88 -2.41
CA MET A 47 5.44 -5.72 -3.17
C MET A 47 4.19 -4.93 -3.56
N LEU A 48 3.77 -4.06 -2.65
CA LEU A 48 2.58 -3.24 -2.86
C LEU A 48 2.82 -2.15 -3.89
N ILE A 49 3.63 -1.16 -3.54
CA ILE A 49 3.90 -0.03 -4.43
C ILE A 49 4.09 -0.49 -5.88
N SER A 50 4.62 -1.70 -6.03
CA SER A 50 4.82 -2.28 -7.36
C SER A 50 3.57 -3.01 -7.84
N HIS A 51 3.22 -4.07 -7.12
CA HIS A 51 2.06 -4.89 -7.49
C HIS A 51 0.77 -4.36 -6.87
N VAL A 52 0.60 -4.56 -5.57
CA VAL A 52 -0.61 -4.14 -4.83
C VAL A 52 -1.87 -4.28 -5.68
N GLU A 53 -2.11 -5.49 -6.18
CA GLU A 53 -3.30 -5.74 -7.00
C GLU A 53 -4.56 -5.25 -6.30
N THR A 54 -4.93 -4.01 -6.56
CA THR A 54 -6.12 -3.43 -5.95
C THR A 54 -7.39 -3.94 -6.62
N TRP A 55 -7.28 -4.28 -7.90
CA TRP A 55 -8.43 -4.78 -8.66
C TRP A 55 -9.08 -5.95 -7.93
N MET A 1 -6.41 -6.12 0.34
CA MET A 1 -5.06 -6.63 0.55
C MET A 1 -5.00 -8.13 0.34
N ILE A 2 -3.78 -8.67 0.28
CA ILE A 2 -3.58 -10.10 0.08
C ILE A 2 -3.12 -10.78 1.38
N PRO A 3 -3.82 -11.82 1.83
CA PRO A 3 -3.46 -12.55 3.04
C PRO A 3 -2.21 -13.40 2.84
N VAL A 4 -1.86 -14.19 3.84
CA VAL A 4 -0.71 -15.07 3.73
C VAL A 4 0.59 -14.28 3.62
N ARG A 5 0.75 -13.59 2.50
CA ARG A 5 1.94 -12.81 2.23
C ARG A 5 1.96 -11.52 3.04
N CYS A 6 2.88 -10.63 2.68
CA CYS A 6 2.98 -9.32 3.30
C CYS A 6 1.68 -8.56 3.12
N LEU A 7 1.75 -7.23 3.20
CA LEU A 7 0.59 -6.37 3.03
C LEU A 7 -0.18 -6.22 4.35
N SER A 8 0.56 -6.28 5.45
CA SER A 8 -0.04 -6.16 6.77
C SER A 8 1.03 -6.14 7.86
N CYS A 9 1.58 -7.31 8.15
CA CYS A 9 2.62 -7.44 9.16
C CYS A 9 2.13 -6.97 10.53
N GLY A 10 0.82 -6.86 10.69
CA GLY A 10 0.25 -6.42 11.95
C GLY A 10 -0.61 -5.18 11.80
N LYS A 11 -0.40 -4.45 10.71
CA LYS A 11 -1.16 -3.22 10.46
C LYS A 11 -2.00 -3.34 9.19
N PRO A 12 -3.32 -3.16 9.30
CA PRO A 12 -4.23 -3.25 8.14
C PRO A 12 -3.89 -2.24 7.05
N VAL A 13 -3.81 -2.73 5.82
CA VAL A 13 -3.48 -1.88 4.68
C VAL A 13 -4.67 -1.75 3.72
N SER A 14 -5.62 -2.68 3.81
CA SER A 14 -6.78 -2.67 2.94
C SER A 14 -7.54 -1.35 3.02
N ALA A 15 -7.74 -0.86 4.24
CA ALA A 15 -8.46 0.39 4.46
C ALA A 15 -7.68 1.59 3.90
N TYR A 16 -6.36 1.49 3.94
CA TYR A 16 -5.50 2.57 3.46
C TYR A 16 -5.28 2.44 1.96
N PHE A 17 -5.42 1.23 1.43
CA PHE A 17 -5.25 0.98 -0.01
C PHE A 17 -5.99 2.03 -0.82
N ASN A 18 -7.09 2.55 -0.29
CA ASN A 18 -7.87 3.58 -0.96
C ASN A 18 -7.01 4.81 -1.18
N GLU A 19 -6.16 5.12 -0.21
CA GLU A 19 -5.26 6.27 -0.30
C GLU A 19 -4.30 6.08 -1.47
N TYR A 20 -3.66 4.92 -1.52
CA TYR A 20 -2.75 4.60 -2.61
C TYR A 20 -3.43 4.80 -3.95
N GLN A 21 -4.62 4.23 -4.08
CA GLN A 21 -5.40 4.35 -5.30
C GLN A 21 -5.62 5.81 -5.65
N ARG A 22 -6.40 6.50 -4.82
CA ARG A 22 -6.71 7.91 -5.04
C ARG A 22 -5.47 8.70 -5.44
N ARG A 23 -4.41 8.58 -4.66
CA ARG A 23 -3.16 9.29 -4.95
C ARG A 23 -2.66 8.94 -6.34
N VAL A 24 -2.36 7.67 -6.56
CA VAL A 24 -1.87 7.21 -7.86
C VAL A 24 -2.78 7.71 -8.98
N ALA A 25 -4.05 7.95 -8.65
CA ALA A 25 -5.01 8.43 -9.62
C ALA A 25 -4.67 9.85 -10.08
N ASP A 26 -4.60 10.77 -9.13
CA ASP A 26 -4.28 12.15 -9.44
C ASP A 26 -2.87 12.26 -10.02
N GLY A 27 -1.96 11.44 -9.52
CA GLY A 27 -0.59 11.45 -10.01
C GLY A 27 0.43 11.69 -8.91
N GLU A 28 0.16 11.17 -7.72
CA GLU A 28 1.06 11.34 -6.60
C GLU A 28 1.97 10.13 -6.45
N ASP A 29 3.14 10.32 -5.85
CA ASP A 29 4.09 9.24 -5.63
C ASP A 29 3.54 8.27 -4.57
N PRO A 30 3.21 7.03 -4.96
CA PRO A 30 2.68 6.04 -4.02
C PRO A 30 3.56 5.89 -2.79
N LYS A 31 4.88 5.92 -3.00
CA LYS A 31 5.83 5.82 -1.90
C LYS A 31 5.45 6.80 -0.79
N ASP A 32 4.97 7.97 -1.19
CA ASP A 32 4.50 8.95 -0.23
C ASP A 32 3.23 8.45 0.43
N VAL A 33 2.37 7.82 -0.38
CA VAL A 33 1.15 7.23 0.12
C VAL A 33 1.47 6.19 1.18
N LEU A 34 2.45 5.34 0.88
CA LEU A 34 2.88 4.31 1.80
C LEU A 34 3.13 4.90 3.18
N ASP A 35 3.72 6.10 3.19
CA ASP A 35 3.96 6.79 4.45
C ASP A 35 2.65 7.05 5.16
N ASP A 36 1.60 7.29 4.38
CA ASP A 36 0.26 7.54 4.91
C ASP A 36 -0.46 6.22 5.19
N LEU A 37 -0.31 5.27 4.26
CA LEU A 37 -0.93 3.95 4.40
C LEU A 37 -0.67 3.38 5.79
N GLY A 38 0.57 3.48 6.23
CA GLY A 38 0.94 2.99 7.54
C GLY A 38 1.07 1.48 7.57
N LEU A 39 1.99 0.95 6.76
CA LEU A 39 2.22 -0.48 6.71
C LEU A 39 3.51 -0.86 7.44
N LYS A 40 4.43 0.10 7.55
CA LYS A 40 5.69 -0.13 8.23
C LYS A 40 6.54 -1.17 7.50
N ARG A 41 7.86 -1.04 7.64
CA ARG A 41 8.79 -1.96 7.00
C ARG A 41 8.61 -1.96 5.49
N TYR A 42 9.71 -2.19 4.77
CA TYR A 42 9.67 -2.21 3.31
C TYR A 42 9.56 -3.63 2.79
N CYS A 43 9.02 -4.52 3.63
CA CYS A 43 8.79 -5.89 3.22
C CYS A 43 7.43 -6.01 2.56
N CYS A 44 6.52 -5.12 2.95
CA CYS A 44 5.17 -5.08 2.39
C CYS A 44 5.13 -4.19 1.16
N ARG A 45 5.49 -2.92 1.34
CA ARG A 45 5.47 -1.94 0.26
C ARG A 45 6.02 -2.50 -1.04
N ARG A 46 7.25 -3.04 -1.00
CA ARG A 46 7.92 -3.59 -2.18
C ARG A 46 6.94 -4.28 -3.11
N MET A 47 6.05 -5.07 -2.55
CA MET A 47 5.04 -5.78 -3.32
C MET A 47 3.88 -4.87 -3.65
N LEU A 48 3.51 -4.05 -2.67
CA LEU A 48 2.37 -3.17 -2.82
C LEU A 48 2.64 -2.03 -3.82
N ILE A 49 3.51 -1.09 -3.43
CA ILE A 49 3.80 0.08 -4.27
C ILE A 49 3.93 -0.29 -5.74
N SER A 50 4.35 -1.52 -6.01
CA SER A 50 4.50 -1.99 -7.38
C SER A 50 3.15 -2.32 -8.00
N HIS A 51 2.63 -3.50 -7.65
CA HIS A 51 1.35 -3.94 -8.18
C HIS A 51 0.17 -3.47 -7.33
N VAL A 52 0.11 -3.97 -6.09
CA VAL A 52 -0.98 -3.64 -5.16
C VAL A 52 -2.33 -3.49 -5.88
N GLU A 53 -2.84 -4.59 -6.40
CA GLU A 53 -4.12 -4.58 -7.12
C GLU A 53 -5.18 -3.80 -6.36
N THR A 54 -5.82 -2.86 -7.04
CA THR A 54 -6.87 -2.05 -6.42
C THR A 54 -8.14 -2.05 -7.26
N TRP A 55 -8.31 -3.09 -8.07
CA TRP A 55 -9.49 -3.21 -8.92
C TRP A 55 -9.58 -4.61 -9.54
N MET A 1 -6.79 -6.31 0.69
CA MET A 1 -5.40 -6.71 0.73
C MET A 1 -5.20 -8.09 0.15
N ILE A 2 -4.10 -8.26 -0.59
CA ILE A 2 -3.78 -9.55 -1.19
C ILE A 2 -3.61 -10.60 -0.09
N PRO A 3 -4.09 -11.83 -0.34
CA PRO A 3 -3.95 -12.94 0.62
C PRO A 3 -2.53 -13.44 0.62
N VAL A 4 -2.11 -14.11 1.68
CA VAL A 4 -0.76 -14.63 1.71
C VAL A 4 0.23 -13.46 1.58
N ARG A 5 1.47 -13.69 1.99
CA ARG A 5 2.50 -12.65 1.92
C ARG A 5 2.27 -11.61 3.00
N CYS A 6 3.13 -10.58 3.01
CA CYS A 6 3.00 -9.50 3.98
C CYS A 6 2.51 -8.23 3.31
N LEU A 7 1.25 -7.90 3.56
CA LEU A 7 0.61 -6.71 3.05
C LEU A 7 -0.04 -5.96 4.20
N SER A 8 0.66 -5.96 5.32
CA SER A 8 0.16 -5.32 6.54
C SER A 8 1.14 -5.52 7.69
N CYS A 9 1.63 -6.75 7.82
CA CYS A 9 2.60 -7.08 8.86
C CYS A 9 2.11 -6.64 10.24
N GLY A 10 0.80 -6.57 10.40
CA GLY A 10 0.24 -6.16 11.68
C GLY A 10 -0.71 -4.98 11.53
N LYS A 11 -0.49 -4.18 10.50
CA LYS A 11 -1.32 -3.02 10.24
C LYS A 11 -2.10 -3.17 8.94
N PRO A 12 -3.43 -3.05 8.98
CA PRO A 12 -4.27 -3.19 7.79
C PRO A 12 -3.88 -2.20 6.69
N VAL A 13 -3.72 -2.71 5.47
CA VAL A 13 -3.34 -1.87 4.35
C VAL A 13 -4.52 -1.64 3.41
N SER A 14 -5.49 -2.54 3.46
CA SER A 14 -6.68 -2.44 2.61
C SER A 14 -7.40 -1.11 2.82
N ALA A 15 -7.63 -0.77 4.08
CA ALA A 15 -8.31 0.47 4.42
C ALA A 15 -7.54 1.68 3.88
N TYR A 16 -6.22 1.56 3.86
CA TYR A 16 -5.37 2.63 3.37
C TYR A 16 -5.18 2.54 1.86
N PHE A 17 -5.32 1.34 1.31
CA PHE A 17 -5.16 1.12 -0.12
C PHE A 17 -5.94 2.17 -0.91
N ASN A 18 -7.02 2.66 -0.30
CA ASN A 18 -7.83 3.70 -0.92
C ASN A 18 -6.98 4.94 -1.17
N GLU A 19 -6.15 5.29 -0.20
CA GLU A 19 -5.27 6.44 -0.33
C GLU A 19 -4.36 6.26 -1.54
N TYR A 20 -3.73 5.10 -1.63
CA TYR A 20 -2.87 4.77 -2.75
C TYR A 20 -3.64 4.92 -4.06
N GLN A 21 -4.83 4.33 -4.10
CA GLN A 21 -5.68 4.40 -5.28
C GLN A 21 -5.97 5.85 -5.66
N ARG A 22 -6.51 6.60 -4.71
CA ARG A 22 -6.83 8.00 -4.94
C ARG A 22 -5.59 8.77 -5.35
N ARG A 23 -4.53 8.66 -4.55
CA ARG A 23 -3.28 9.35 -4.84
C ARG A 23 -2.73 8.93 -6.20
N VAL A 24 -2.33 7.67 -6.32
CA VAL A 24 -1.80 7.15 -7.58
C VAL A 24 -2.70 7.53 -8.75
N ALA A 25 -3.99 7.65 -8.48
CA ALA A 25 -4.96 8.02 -9.51
C ALA A 25 -4.69 9.43 -10.03
N ASP A 26 -4.75 10.40 -9.13
CA ASP A 26 -4.51 11.79 -9.49
C ASP A 26 -3.09 11.98 -10.02
N GLY A 27 -2.18 11.09 -9.61
CA GLY A 27 -0.81 11.17 -10.06
C GLY A 27 0.15 11.51 -8.94
N GLU A 28 -0.18 11.08 -7.73
CA GLU A 28 0.65 11.35 -6.56
C GLU A 28 1.63 10.21 -6.31
N ASP A 29 2.82 10.56 -5.85
CA ASP A 29 3.85 9.56 -5.56
C ASP A 29 3.32 8.53 -4.57
N PRO A 30 3.15 7.27 -5.00
CA PRO A 30 2.66 6.20 -4.12
C PRO A 30 3.55 6.01 -2.91
N LYS A 31 4.86 6.01 -3.13
CA LYS A 31 5.83 5.85 -2.06
C LYS A 31 5.48 6.75 -0.88
N ASP A 32 5.11 7.99 -1.18
CA ASP A 32 4.69 8.93 -0.15
C ASP A 32 3.42 8.41 0.52
N VAL A 33 2.51 7.87 -0.29
CA VAL A 33 1.28 7.31 0.22
C VAL A 33 1.59 6.19 1.21
N LEU A 34 2.52 5.32 0.84
CA LEU A 34 2.92 4.22 1.70
C LEU A 34 3.18 4.71 3.12
N ASP A 35 3.86 5.84 3.23
CA ASP A 35 4.14 6.44 4.52
C ASP A 35 2.83 6.71 5.24
N ASP A 36 1.81 7.11 4.47
CA ASP A 36 0.48 7.38 5.02
C ASP A 36 -0.26 6.06 5.25
N LEU A 37 -0.14 5.16 4.29
CA LEU A 37 -0.78 3.85 4.38
C LEU A 37 -0.51 3.20 5.73
N GLY A 38 0.70 3.43 6.24
CA GLY A 38 1.09 2.87 7.51
C GLY A 38 1.15 1.36 7.50
N LEU A 39 2.07 0.82 6.69
CA LEU A 39 2.21 -0.62 6.57
C LEU A 39 3.38 -1.14 7.40
N LYS A 40 3.71 -0.39 8.46
CA LYS A 40 4.78 -0.78 9.38
C LYS A 40 6.13 -0.89 8.66
N ARG A 41 6.35 -2.02 8.00
CA ARG A 41 7.63 -2.27 7.32
C ARG A 41 7.51 -2.07 5.81
N TYR A 42 8.67 -2.11 5.15
CA TYR A 42 8.71 -1.95 3.70
C TYR A 42 8.61 -3.30 3.01
N CYS A 43 8.93 -4.37 3.75
CA CYS A 43 8.85 -5.72 3.21
C CYS A 43 7.53 -5.95 2.49
N CYS A 44 6.50 -5.21 2.91
CA CYS A 44 5.19 -5.27 2.30
C CYS A 44 5.10 -4.31 1.12
N ARG A 45 5.44 -3.05 1.38
CA ARG A 45 5.41 -2.01 0.36
C ARG A 45 6.03 -2.47 -0.94
N ARG A 46 7.30 -2.89 -0.88
CA ARG A 46 8.04 -3.32 -2.07
C ARG A 46 7.16 -4.10 -3.04
N MET A 47 6.29 -4.95 -2.50
CA MET A 47 5.39 -5.73 -3.32
C MET A 47 4.17 -4.91 -3.72
N LEU A 48 3.71 -4.09 -2.78
CA LEU A 48 2.53 -3.26 -3.01
C LEU A 48 2.82 -2.14 -4.01
N ILE A 49 3.66 -1.19 -3.60
CA ILE A 49 4.00 -0.05 -4.47
C ILE A 49 4.31 -0.51 -5.89
N SER A 50 4.86 -1.71 -6.01
CA SER A 50 5.21 -2.27 -7.31
C SER A 50 4.03 -3.03 -7.92
N HIS A 51 3.54 -4.03 -7.19
CA HIS A 51 2.44 -4.86 -7.68
C HIS A 51 1.09 -4.16 -7.54
N VAL A 52 0.78 -3.72 -6.32
CA VAL A 52 -0.49 -3.06 -6.03
C VAL A 52 -0.87 -2.08 -7.15
N GLU A 53 -1.89 -2.45 -7.91
CA GLU A 53 -2.35 -1.63 -9.02
C GLU A 53 -3.71 -1.00 -8.73
N THR A 54 -4.58 -1.78 -8.08
CA THR A 54 -5.92 -1.30 -7.75
C THR A 54 -6.63 -0.76 -8.98
N TRP A 55 -7.19 -1.65 -9.77
CA TRP A 55 -7.90 -1.26 -10.99
C TRP A 55 -9.35 -0.88 -10.67
N MET A 1 -6.94 -7.36 0.77
CA MET A 1 -5.52 -7.61 0.97
C MET A 1 -5.21 -9.10 0.90
N ILE A 2 -3.92 -9.44 0.91
CA ILE A 2 -3.51 -10.83 0.84
C ILE A 2 -3.10 -11.37 2.20
N PRO A 3 -3.53 -12.59 2.54
CA PRO A 3 -3.16 -13.24 3.80
C PRO A 3 -1.74 -13.79 3.73
N VAL A 4 -1.23 -14.26 4.85
CA VAL A 4 0.11 -14.85 4.86
C VAL A 4 1.16 -13.79 4.51
N ARG A 5 1.26 -13.49 3.21
CA ARG A 5 2.22 -12.52 2.71
C ARG A 5 2.06 -11.17 3.40
N CYS A 6 2.91 -10.23 3.01
CA CYS A 6 2.85 -8.88 3.54
C CYS A 6 1.47 -8.27 3.27
N LEU A 7 1.37 -6.94 3.41
CA LEU A 7 0.12 -6.20 3.22
C LEU A 7 -0.58 -6.02 4.57
N SER A 8 0.21 -5.99 5.64
CA SER A 8 -0.31 -5.82 6.98
C SER A 8 0.81 -5.98 8.00
N CYS A 9 1.26 -7.21 8.19
CA CYS A 9 2.35 -7.50 9.12
C CYS A 9 2.07 -6.91 10.51
N GLY A 10 0.80 -6.65 10.81
CA GLY A 10 0.46 -6.11 12.10
C GLY A 10 -0.83 -5.30 12.06
N LYS A 11 -1.08 -4.65 10.94
CA LYS A 11 -2.28 -3.83 10.79
C LYS A 11 -2.89 -3.97 9.39
N PRO A 12 -4.06 -3.35 9.16
CA PRO A 12 -4.75 -3.41 7.88
C PRO A 12 -4.22 -2.38 6.88
N VAL A 13 -4.11 -2.80 5.63
CA VAL A 13 -3.64 -1.92 4.56
C VAL A 13 -4.74 -1.68 3.52
N SER A 14 -5.80 -2.50 3.56
CA SER A 14 -6.91 -2.36 2.62
C SER A 14 -7.62 -1.03 2.82
N ALA A 15 -7.88 -0.67 4.07
CA ALA A 15 -8.54 0.59 4.39
C ALA A 15 -7.71 1.77 3.90
N TYR A 16 -6.39 1.58 3.89
CA TYR A 16 -5.47 2.62 3.44
C TYR A 16 -5.25 2.53 1.93
N PHE A 17 -5.42 1.33 1.38
CA PHE A 17 -5.25 1.13 -0.06
C PHE A 17 -5.98 2.20 -0.85
N ASN A 18 -7.13 2.63 -0.34
CA ASN A 18 -7.90 3.68 -0.99
C ASN A 18 -7.04 4.92 -1.18
N GLU A 19 -6.13 5.15 -0.23
CA GLU A 19 -5.22 6.27 -0.30
C GLU A 19 -4.25 6.10 -1.48
N TYR A 20 -3.61 4.93 -1.53
CA TYR A 20 -2.71 4.62 -2.63
C TYR A 20 -3.43 4.78 -3.96
N GLN A 21 -4.63 4.20 -4.04
CA GLN A 21 -5.43 4.28 -5.24
C GLN A 21 -5.81 5.72 -5.55
N ARG A 22 -6.14 6.47 -4.50
CA ARG A 22 -6.51 7.87 -4.65
C ARG A 22 -5.35 8.69 -5.22
N ARG A 23 -4.20 8.60 -4.57
CA ARG A 23 -3.01 9.33 -5.01
C ARG A 23 -2.62 8.91 -6.41
N VAL A 24 -2.26 7.64 -6.57
CA VAL A 24 -1.86 7.11 -7.86
C VAL A 24 -2.85 7.51 -8.96
N ALA A 25 -4.12 7.65 -8.58
CA ALA A 25 -5.15 8.04 -9.52
C ALA A 25 -4.89 9.44 -10.07
N ASP A 26 -4.56 10.36 -9.17
CA ASP A 26 -4.27 11.74 -9.55
C ASP A 26 -2.90 11.85 -10.18
N GLY A 27 -1.95 11.04 -9.71
CA GLY A 27 -0.60 11.06 -10.25
C GLY A 27 0.43 11.43 -9.21
N GLU A 28 0.20 11.03 -7.97
CA GLU A 28 1.13 11.32 -6.88
C GLU A 28 2.09 10.16 -6.66
N ASP A 29 3.15 10.42 -5.89
CA ASP A 29 4.13 9.39 -5.58
C ASP A 29 3.58 8.42 -4.53
N PRO A 30 3.33 7.16 -4.91
CA PRO A 30 2.79 6.16 -3.99
C PRO A 30 3.66 6.00 -2.75
N LYS A 31 4.98 6.08 -2.94
CA LYS A 31 5.92 5.97 -1.84
C LYS A 31 5.50 6.88 -0.70
N ASP A 32 5.02 8.07 -1.04
CA ASP A 32 4.52 9.00 -0.06
C ASP A 32 3.24 8.45 0.56
N VAL A 33 2.41 7.83 -0.27
CA VAL A 33 1.19 7.21 0.20
C VAL A 33 1.51 6.15 1.24
N LEU A 34 2.53 5.34 0.94
CA LEU A 34 2.96 4.29 1.86
C LEU A 34 3.13 4.84 3.27
N ASP A 35 3.81 5.97 3.37
CA ASP A 35 4.01 6.62 4.65
C ASP A 35 2.65 6.88 5.30
N ASP A 36 1.66 7.15 4.45
CA ASP A 36 0.30 7.40 4.91
C ASP A 36 -0.42 6.07 5.21
N LEU A 37 -0.26 5.12 4.29
CA LEU A 37 -0.86 3.79 4.44
C LEU A 37 -0.54 3.22 5.82
N GLY A 38 0.76 3.17 6.14
CA GLY A 38 1.18 2.67 7.43
C GLY A 38 1.68 1.23 7.37
N LEU A 39 2.61 0.97 6.47
CA LEU A 39 3.17 -0.37 6.32
C LEU A 39 4.70 -0.34 6.34
N LYS A 40 5.27 -0.04 7.51
CA LYS A 40 6.71 0.01 7.67
C LYS A 40 7.33 -1.31 7.22
N ARG A 41 8.64 -1.48 7.46
CA ARG A 41 9.37 -2.70 7.09
C ARG A 41 9.83 -2.64 5.64
N TYR A 42 8.91 -2.32 4.73
CA TYR A 42 9.19 -2.25 3.29
C TYR A 42 8.94 -3.61 2.62
N CYS A 43 9.01 -4.68 3.42
CA CYS A 43 8.74 -6.02 2.91
C CYS A 43 7.38 -6.03 2.21
N CYS A 44 6.48 -5.19 2.71
CA CYS A 44 5.15 -5.04 2.14
C CYS A 44 5.16 -4.08 0.96
N ARG A 45 5.58 -2.85 1.23
CA ARG A 45 5.63 -1.80 0.20
C ARG A 45 6.24 -2.33 -1.09
N ARG A 46 7.46 -2.86 -1.00
CA ARG A 46 8.14 -3.41 -2.17
C ARG A 46 7.19 -4.23 -3.04
N MET A 47 6.26 -4.92 -2.39
CA MET A 47 5.27 -5.73 -3.08
C MET A 47 4.05 -4.90 -3.46
N LEU A 48 3.76 -3.87 -2.66
CA LEU A 48 2.60 -3.02 -2.87
C LEU A 48 2.90 -1.88 -3.84
N ILE A 49 3.76 -0.94 -3.41
CA ILE A 49 4.08 0.23 -4.22
C ILE A 49 4.21 -0.11 -5.71
N SER A 50 4.70 -1.31 -5.99
CA SER A 50 4.88 -1.76 -7.35
C SER A 50 3.59 -2.36 -7.92
N HIS A 51 3.14 -3.46 -7.33
CA HIS A 51 1.94 -4.14 -7.79
C HIS A 51 0.68 -3.58 -7.12
N VAL A 52 0.45 -3.97 -5.86
CA VAL A 52 -0.72 -3.54 -5.09
C VAL A 52 -1.96 -3.36 -5.97
N GLU A 53 -2.78 -4.41 -6.04
CA GLU A 53 -3.99 -4.37 -6.86
C GLU A 53 -4.82 -3.14 -6.55
N THR A 54 -5.23 -2.43 -7.60
CA THR A 54 -6.02 -1.22 -7.44
C THR A 54 -7.31 -1.30 -8.25
N TRP A 55 -8.42 -1.56 -7.56
CA TRP A 55 -9.72 -1.67 -8.22
C TRP A 55 -9.72 -2.78 -9.26
N MET A 1 -6.40 -5.69 1.23
CA MET A 1 -5.05 -6.29 1.36
C MET A 1 -5.02 -7.76 0.92
N ILE A 2 -3.94 -8.44 1.27
CA ILE A 2 -3.76 -9.84 0.91
C ILE A 2 -3.26 -10.64 2.10
N PRO A 3 -3.77 -11.87 2.28
CA PRO A 3 -3.34 -12.75 3.37
C PRO A 3 -1.99 -13.36 3.08
N VAL A 4 -1.47 -14.14 4.04
CA VAL A 4 -0.20 -14.82 3.82
C VAL A 4 0.95 -13.81 3.67
N ARG A 5 1.02 -13.19 2.49
CA ARG A 5 2.07 -12.24 2.18
C ARG A 5 2.13 -11.10 3.20
N CYS A 6 3.07 -10.18 2.98
CA CYS A 6 3.27 -9.05 3.87
C CYS A 6 2.66 -7.78 3.30
N LEU A 7 1.46 -7.45 3.76
CA LEU A 7 0.78 -6.24 3.33
C LEU A 7 0.18 -5.55 4.56
N SER A 8 0.98 -5.43 5.60
CA SER A 8 0.55 -4.81 6.84
C SER A 8 1.68 -4.80 7.87
N CYS A 9 2.16 -5.98 8.23
CA CYS A 9 3.25 -6.11 9.19
C CYS A 9 2.84 -5.57 10.56
N GLY A 10 1.53 -5.52 10.81
CA GLY A 10 1.05 -5.03 12.08
C GLY A 10 -0.05 -3.99 11.94
N LYS A 11 -0.08 -3.33 10.78
CA LYS A 11 -1.08 -2.31 10.52
C LYS A 11 -1.88 -2.63 9.26
N PRO A 12 -3.22 -2.59 9.34
CA PRO A 12 -4.08 -2.88 8.18
C PRO A 12 -3.81 -1.93 7.02
N VAL A 13 -3.58 -2.50 5.84
CA VAL A 13 -3.31 -1.70 4.65
C VAL A 13 -4.53 -1.64 3.72
N SER A 14 -5.59 -2.37 4.08
CA SER A 14 -6.81 -2.39 3.27
C SER A 14 -7.45 -1.01 3.21
N ALA A 15 -8.06 -0.58 4.31
CA ALA A 15 -8.73 0.71 4.37
C ALA A 15 -7.85 1.82 3.81
N TYR A 16 -6.54 1.61 3.83
CA TYR A 16 -5.60 2.62 3.36
C TYR A 16 -5.35 2.47 1.86
N PHE A 17 -5.53 1.26 1.33
CA PHE A 17 -5.34 1.01 -0.10
C PHE A 17 -6.09 2.06 -0.92
N ASN A 18 -7.16 2.59 -0.36
CA ASN A 18 -7.94 3.63 -1.03
C ASN A 18 -7.08 4.87 -1.23
N GLU A 19 -6.21 5.13 -0.26
CA GLU A 19 -5.30 6.26 -0.32
C GLU A 19 -4.37 6.13 -1.52
N TYR A 20 -3.67 5.00 -1.57
CA TYR A 20 -2.76 4.72 -2.67
C TYR A 20 -3.48 4.88 -4.01
N GLN A 21 -4.67 4.29 -4.10
CA GLN A 21 -5.47 4.38 -5.31
C GLN A 21 -5.78 5.83 -5.65
N ARG A 22 -6.40 6.53 -4.73
CA ARG A 22 -6.73 7.94 -4.92
C ARG A 22 -5.50 8.73 -5.34
N ARG A 23 -4.44 8.61 -4.56
CA ARG A 23 -3.20 9.31 -4.83
C ARG A 23 -2.59 8.88 -6.17
N VAL A 24 -2.14 7.62 -6.23
CA VAL A 24 -1.55 7.09 -7.44
C VAL A 24 -2.43 7.37 -8.65
N ALA A 25 -3.73 7.52 -8.41
CA ALA A 25 -4.69 7.81 -9.47
C ALA A 25 -4.50 9.22 -10.02
N ASP A 26 -4.41 10.19 -9.12
CA ASP A 26 -4.23 11.58 -9.52
C ASP A 26 -2.81 11.81 -10.04
N GLY A 27 -1.85 11.09 -9.48
CA GLY A 27 -0.47 11.22 -9.91
C GLY A 27 0.46 11.60 -8.79
N GLU A 28 0.12 11.19 -7.57
CA GLU A 28 0.95 11.49 -6.40
C GLU A 28 1.92 10.35 -6.12
N ASP A 29 3.10 10.71 -5.60
CA ASP A 29 4.12 9.71 -5.27
C ASP A 29 3.55 8.65 -4.33
N PRO A 30 3.36 7.42 -4.82
CA PRO A 30 2.82 6.34 -3.98
C PRO A 30 3.66 6.11 -2.74
N LYS A 31 4.98 6.12 -2.91
CA LYS A 31 5.89 5.94 -1.78
C LYS A 31 5.49 6.86 -0.64
N ASP A 32 5.09 8.09 -0.98
CA ASP A 32 4.61 9.03 0.01
C ASP A 32 3.33 8.49 0.63
N VAL A 33 2.47 7.94 -0.22
CA VAL A 33 1.23 7.34 0.24
C VAL A 33 1.51 6.23 1.23
N LEU A 34 2.50 5.39 0.91
CA LEU A 34 2.89 4.30 1.78
C LEU A 34 3.09 4.81 3.20
N ASP A 35 3.69 5.99 3.33
CA ASP A 35 3.90 6.59 4.63
C ASP A 35 2.56 6.86 5.30
N ASP A 36 1.56 7.20 4.49
CA ASP A 36 0.22 7.47 4.99
C ASP A 36 -0.54 6.16 5.19
N LEU A 37 -0.39 5.25 4.24
CA LEU A 37 -1.04 3.94 4.29
C LEU A 37 -0.85 3.31 5.68
N GLY A 38 0.42 3.24 6.10
CA GLY A 38 0.73 2.69 7.41
C GLY A 38 1.49 1.39 7.33
N LEU A 39 2.52 1.36 6.49
CA LEU A 39 3.34 0.16 6.32
C LEU A 39 4.82 0.53 6.24
N LYS A 40 5.43 0.79 7.39
CA LYS A 40 6.83 1.17 7.46
C LYS A 40 7.73 -0.05 7.64
N ARG A 41 7.95 -0.78 6.57
CA ARG A 41 8.80 -1.97 6.59
C ARG A 41 9.52 -2.17 5.26
N TYR A 42 8.78 -1.96 4.18
CA TYR A 42 9.30 -2.11 2.81
C TYR A 42 9.11 -3.53 2.30
N CYS A 43 9.31 -4.51 3.18
CA CYS A 43 9.09 -5.90 2.79
C CYS A 43 7.67 -6.05 2.23
N CYS A 44 6.77 -5.20 2.72
CA CYS A 44 5.40 -5.16 2.21
C CYS A 44 5.31 -4.19 1.03
N ARG A 45 5.78 -2.96 1.25
CA ARG A 45 5.74 -1.92 0.23
C ARG A 45 6.21 -2.43 -1.12
N ARG A 46 7.42 -2.95 -1.17
CA ARG A 46 8.00 -3.45 -2.42
C ARG A 46 6.97 -4.24 -3.23
N MET A 47 6.12 -4.98 -2.55
CA MET A 47 5.09 -5.77 -3.20
C MET A 47 3.85 -4.94 -3.48
N LEU A 48 3.63 -3.93 -2.63
CA LEU A 48 2.47 -3.07 -2.76
C LEU A 48 2.72 -1.90 -3.72
N ILE A 49 3.65 -1.03 -3.38
CA ILE A 49 3.94 0.15 -4.20
C ILE A 49 3.99 -0.20 -5.69
N SER A 50 4.35 -1.43 -5.99
CA SER A 50 4.43 -1.90 -7.36
C SER A 50 3.09 -2.42 -7.86
N HIS A 51 2.74 -3.63 -7.44
CA HIS A 51 1.49 -4.26 -7.87
C HIS A 51 0.32 -3.88 -6.98
N VAL A 52 0.34 -4.35 -5.73
CA VAL A 52 -0.75 -4.11 -4.78
C VAL A 52 -2.12 -4.33 -5.43
N GLU A 53 -2.14 -5.20 -6.44
CA GLU A 53 -3.39 -5.51 -7.15
C GLU A 53 -4.14 -4.23 -7.52
N THR A 54 -3.65 -3.53 -8.54
CA THR A 54 -4.27 -2.29 -8.99
C THR A 54 -5.07 -2.52 -10.28
N TRP A 55 -4.47 -3.25 -11.21
CA TRP A 55 -5.13 -3.55 -12.49
C TRP A 55 -5.35 -2.27 -13.28
N MET A 1 -6.22 -6.36 0.04
CA MET A 1 -4.87 -6.85 0.30
C MET A 1 -4.76 -8.32 -0.03
N ILE A 2 -3.63 -8.92 0.34
CA ILE A 2 -3.38 -10.33 0.08
C ILE A 2 -3.17 -11.07 1.40
N PRO A 3 -3.71 -12.29 1.55
CA PRO A 3 -3.50 -13.09 2.74
C PRO A 3 -2.06 -13.55 2.80
N VAL A 4 -1.57 -13.88 3.99
CA VAL A 4 -0.20 -14.32 4.08
C VAL A 4 0.73 -13.20 3.60
N ARG A 5 2.00 -13.30 3.97
CA ARG A 5 2.99 -12.30 3.58
C ARG A 5 2.91 -11.06 4.46
N CYS A 6 3.47 -9.95 3.99
CA CYS A 6 3.47 -8.70 4.74
C CYS A 6 2.76 -7.59 3.98
N LEU A 7 1.52 -7.34 4.38
CA LEU A 7 0.72 -6.28 3.79
C LEU A 7 0.12 -5.44 4.92
N SER A 8 0.93 -5.23 5.97
CA SER A 8 0.50 -4.48 7.13
C SER A 8 1.67 -4.23 8.08
N CYS A 9 2.24 -5.32 8.59
CA CYS A 9 3.36 -5.23 9.52
C CYS A 9 2.93 -4.72 10.89
N GLY A 10 1.63 -4.53 11.08
CA GLY A 10 1.14 -4.05 12.36
C GLY A 10 -0.26 -3.47 12.26
N LYS A 11 -0.51 -2.73 11.18
CA LYS A 11 -1.81 -2.11 10.97
C LYS A 11 -2.40 -2.49 9.61
N PRO A 12 -3.73 -2.39 9.48
CA PRO A 12 -4.43 -2.75 8.23
C PRO A 12 -4.04 -1.81 7.08
N VAL A 13 -3.85 -2.39 5.90
CA VAL A 13 -3.48 -1.62 4.72
C VAL A 13 -4.64 -1.53 3.73
N SER A 14 -5.55 -2.49 3.80
CA SER A 14 -6.71 -2.52 2.93
C SER A 14 -7.50 -1.22 3.01
N ALA A 15 -7.73 -0.75 4.23
CA ALA A 15 -8.47 0.49 4.44
C ALA A 15 -7.71 1.69 3.87
N TYR A 16 -6.39 1.64 3.93
CA TYR A 16 -5.56 2.71 3.43
C TYR A 16 -5.31 2.56 1.93
N PHE A 17 -5.39 1.32 1.44
CA PHE A 17 -5.19 1.04 0.03
C PHE A 17 -5.93 2.05 -0.84
N ASN A 18 -7.04 2.57 -0.31
CA ASN A 18 -7.82 3.58 -1.01
C ASN A 18 -6.96 4.81 -1.27
N GLU A 19 -6.21 5.23 -0.25
CA GLU A 19 -5.32 6.38 -0.38
C GLU A 19 -4.40 6.18 -1.58
N TYR A 20 -3.77 5.01 -1.64
CA TYR A 20 -2.88 4.68 -2.75
C TYR A 20 -3.60 4.89 -4.08
N GLN A 21 -4.81 4.36 -4.17
CA GLN A 21 -5.61 4.50 -5.38
C GLN A 21 -5.89 5.98 -5.67
N ARG A 22 -6.41 6.68 -4.67
CA ARG A 22 -6.70 8.11 -4.81
C ARG A 22 -5.46 8.87 -5.26
N ARG A 23 -4.36 8.69 -4.54
CA ARG A 23 -3.11 9.37 -4.88
C ARG A 23 -2.65 9.01 -6.29
N VAL A 24 -2.31 7.74 -6.50
CA VAL A 24 -1.88 7.27 -7.81
C VAL A 24 -2.81 7.75 -8.91
N ALA A 25 -4.10 7.78 -8.59
CA ALA A 25 -5.11 8.22 -9.55
C ALA A 25 -4.78 9.61 -10.09
N ASP A 26 -4.59 10.56 -9.20
CA ASP A 26 -4.27 11.93 -9.58
C ASP A 26 -2.86 12.02 -10.15
N GLY A 27 -1.92 11.33 -9.50
CA GLY A 27 -0.54 11.34 -9.97
C GLY A 27 0.46 11.60 -8.85
N GLU A 28 0.19 11.02 -7.68
CA GLU A 28 1.06 11.20 -6.53
C GLU A 28 1.97 9.99 -6.34
N ASP A 29 3.19 10.23 -5.88
CA ASP A 29 4.14 9.16 -5.64
C ASP A 29 3.61 8.20 -4.56
N PRO A 30 3.28 6.95 -4.94
CA PRO A 30 2.75 5.97 -3.98
C PRO A 30 3.65 5.82 -2.77
N LYS A 31 4.96 5.89 -2.97
CA LYS A 31 5.92 5.78 -1.88
C LYS A 31 5.52 6.70 -0.73
N ASP A 32 5.10 7.90 -1.07
CA ASP A 32 4.63 8.86 -0.07
C ASP A 32 3.35 8.34 0.56
N VAL A 33 2.49 7.76 -0.28
CA VAL A 33 1.24 7.20 0.20
C VAL A 33 1.49 6.10 1.23
N LEU A 34 2.40 5.17 0.90
CA LEU A 34 2.72 4.08 1.80
C LEU A 34 3.00 4.61 3.21
N ASP A 35 3.75 5.70 3.27
CA ASP A 35 4.04 6.33 4.55
C ASP A 35 2.74 6.71 5.25
N ASP A 36 1.75 7.08 4.45
CA ASP A 36 0.44 7.45 4.97
C ASP A 36 -0.40 6.21 5.23
N LEU A 37 -0.30 5.24 4.31
CA LEU A 37 -1.03 3.98 4.44
C LEU A 37 -0.82 3.38 5.81
N GLY A 38 0.35 3.61 6.38
CA GLY A 38 0.65 3.08 7.69
C GLY A 38 1.61 1.90 7.61
N LEU A 39 1.32 0.97 6.70
CA LEU A 39 2.15 -0.22 6.52
C LEU A 39 3.64 0.09 6.61
N LYS A 40 4.27 -0.35 7.69
CA LYS A 40 5.69 -0.11 7.89
C LYS A 40 6.53 -1.20 7.23
N ARG A 41 7.84 -1.01 7.23
CA ARG A 41 8.75 -1.97 6.60
C ARG A 41 8.46 -2.09 5.11
N TYR A 42 9.51 -1.98 4.30
CA TYR A 42 9.36 -2.05 2.85
C TYR A 42 8.97 -3.44 2.40
N CYS A 43 9.23 -4.44 3.24
CA CYS A 43 8.88 -5.82 2.91
C CYS A 43 7.45 -5.90 2.36
N CYS A 44 6.61 -4.99 2.85
CA CYS A 44 5.22 -4.91 2.38
C CYS A 44 5.13 -4.00 1.16
N ARG A 45 5.55 -2.75 1.34
CA ARG A 45 5.50 -1.77 0.25
C ARG A 45 6.15 -2.33 -1.02
N ARG A 46 7.39 -2.78 -0.90
CA ARG A 46 8.13 -3.34 -2.04
C ARG A 46 7.24 -4.24 -2.89
N MET A 47 6.33 -4.94 -2.22
CA MET A 47 5.39 -5.83 -2.91
C MET A 47 4.16 -5.06 -3.35
N LEU A 48 3.76 -4.09 -2.54
CA LEU A 48 2.57 -3.29 -2.83
C LEU A 48 2.85 -2.21 -3.86
N ILE A 49 3.63 -1.21 -3.48
CA ILE A 49 3.94 -0.09 -4.37
C ILE A 49 4.26 -0.57 -5.79
N SER A 50 4.88 -1.74 -5.89
CA SER A 50 5.24 -2.31 -7.18
C SER A 50 4.09 -3.14 -7.78
N HIS A 51 3.59 -4.09 -7.00
CA HIS A 51 2.53 -4.98 -7.47
C HIS A 51 1.15 -4.35 -7.32
N VAL A 52 0.82 -3.91 -6.10
CA VAL A 52 -0.49 -3.32 -5.82
C VAL A 52 -0.94 -2.38 -6.96
N GLU A 53 -1.93 -2.83 -7.71
CA GLU A 53 -2.46 -2.05 -8.83
C GLU A 53 -3.83 -1.48 -8.50
N THR A 54 -4.59 -2.22 -7.70
CA THR A 54 -5.93 -1.79 -7.30
C THR A 54 -6.79 -1.50 -8.53
N TRP A 55 -6.48 -2.16 -9.63
CA TRP A 55 -7.23 -1.98 -10.87
C TRP A 55 -7.81 -3.30 -11.35
N MET A 1 -6.37 -7.98 2.09
CA MET A 1 -4.97 -8.19 1.75
C MET A 1 -4.72 -9.65 1.35
N ILE A 2 -3.46 -9.97 1.10
CA ILE A 2 -3.07 -11.32 0.74
C ILE A 2 -2.55 -12.06 1.97
N PRO A 3 -2.94 -13.33 2.15
CA PRO A 3 -2.47 -14.14 3.28
C PRO A 3 -1.01 -14.50 3.12
N VAL A 4 -0.41 -15.07 4.15
CA VAL A 4 0.98 -15.50 4.05
C VAL A 4 1.92 -14.30 3.87
N ARG A 5 1.92 -13.75 2.67
CA ARG A 5 2.79 -12.63 2.33
C ARG A 5 2.49 -11.40 3.18
N CYS A 6 3.27 -10.35 2.95
CA CYS A 6 3.10 -9.07 3.65
C CYS A 6 1.71 -8.51 3.38
N LEU A 7 1.58 -7.19 3.47
CA LEU A 7 0.31 -6.48 3.28
C LEU A 7 -0.42 -6.31 4.61
N SER A 8 0.34 -6.38 5.70
CA SER A 8 -0.19 -6.23 7.04
C SER A 8 0.94 -6.25 8.07
N CYS A 9 1.54 -7.42 8.24
CA CYS A 9 2.66 -7.59 9.17
C CYS A 9 2.35 -7.02 10.54
N GLY A 10 1.06 -6.96 10.89
CA GLY A 10 0.68 -6.44 12.19
C GLY A 10 -0.18 -5.20 12.12
N LYS A 11 -0.34 -4.65 10.92
CA LYS A 11 -1.13 -3.44 10.75
C LYS A 11 -2.10 -3.56 9.59
N PRO A 12 -3.13 -2.70 9.55
CA PRO A 12 -4.15 -2.70 8.50
C PRO A 12 -3.77 -1.79 7.33
N VAL A 13 -3.75 -2.36 6.14
CA VAL A 13 -3.40 -1.61 4.94
C VAL A 13 -4.56 -1.57 3.93
N SER A 14 -5.52 -2.46 4.10
CA SER A 14 -6.67 -2.53 3.20
C SER A 14 -7.44 -1.21 3.19
N ALA A 15 -7.82 -0.74 4.37
CA ALA A 15 -8.56 0.52 4.49
C ALA A 15 -7.78 1.68 3.89
N TYR A 16 -6.45 1.56 3.92
CA TYR A 16 -5.59 2.61 3.41
C TYR A 16 -5.33 2.44 1.91
N PHE A 17 -5.45 1.19 1.43
CA PHE A 17 -5.23 0.90 0.02
C PHE A 17 -5.96 1.90 -0.86
N ASN A 18 -7.06 2.44 -0.35
CA ASN A 18 -7.83 3.44 -1.07
C ASN A 18 -6.99 4.69 -1.28
N GLU A 19 -6.24 5.07 -0.24
CA GLU A 19 -5.36 6.23 -0.32
C GLU A 19 -4.44 6.10 -1.52
N TYR A 20 -3.75 4.97 -1.60
CA TYR A 20 -2.84 4.70 -2.72
C TYR A 20 -3.57 4.90 -4.04
N GLN A 21 -4.75 4.31 -4.15
CA GLN A 21 -5.57 4.42 -5.36
C GLN A 21 -5.85 5.88 -5.68
N ARG A 22 -6.51 6.57 -4.74
CA ARG A 22 -6.84 7.98 -4.93
C ARG A 22 -5.60 8.77 -5.32
N ARG A 23 -4.53 8.59 -4.57
CA ARG A 23 -3.28 9.30 -4.82
C ARG A 23 -2.71 8.96 -6.19
N VAL A 24 -2.35 7.69 -6.38
CA VAL A 24 -1.80 7.23 -7.65
C VAL A 24 -2.65 7.71 -8.82
N ALA A 25 -3.95 7.81 -8.60
CA ALA A 25 -4.87 8.26 -9.63
C ALA A 25 -4.52 9.67 -10.11
N ASP A 26 -4.44 10.60 -9.16
CA ASP A 26 -4.11 11.99 -9.47
C ASP A 26 -2.71 12.08 -10.07
N GLY A 27 -1.78 11.32 -9.51
CA GLY A 27 -0.42 11.33 -10.01
C GLY A 27 0.62 11.63 -8.94
N GLU A 28 0.32 11.19 -7.70
CA GLU A 28 1.24 11.41 -6.60
C GLU A 28 2.13 10.19 -6.37
N ASP A 29 3.32 10.43 -5.81
CA ASP A 29 4.26 9.35 -5.54
C ASP A 29 3.68 8.38 -4.52
N PRO A 30 3.33 7.15 -4.94
CA PRO A 30 2.76 6.15 -4.04
C PRO A 30 3.63 5.96 -2.81
N LYS A 31 4.95 6.02 -3.01
CA LYS A 31 5.88 5.87 -1.89
C LYS A 31 5.48 6.81 -0.76
N ASP A 32 5.11 8.04 -1.12
CA ASP A 32 4.62 8.99 -0.14
C ASP A 32 3.36 8.45 0.51
N VAL A 33 2.47 7.90 -0.33
CA VAL A 33 1.23 7.32 0.16
C VAL A 33 1.51 6.24 1.18
N LEU A 34 2.46 5.36 0.86
CA LEU A 34 2.83 4.27 1.77
C LEU A 34 3.07 4.80 3.17
N ASP A 35 3.68 5.98 3.24
CA ASP A 35 3.94 6.61 4.52
C ASP A 35 2.62 6.95 5.21
N ASP A 36 1.62 7.28 4.39
CA ASP A 36 0.28 7.59 4.90
C ASP A 36 -0.49 6.30 5.15
N LEU A 37 -0.37 5.35 4.22
CA LEU A 37 -1.02 4.06 4.34
C LEU A 37 -0.80 3.46 5.73
N GLY A 38 0.46 3.41 6.12
CA GLY A 38 0.81 2.88 7.43
C GLY A 38 1.20 1.41 7.38
N LEU A 39 2.22 1.10 6.57
CA LEU A 39 2.67 -0.28 6.42
C LEU A 39 4.13 -0.41 6.86
N LYS A 40 4.33 -0.84 8.11
CA LYS A 40 5.67 -1.01 8.65
C LYS A 40 6.49 -1.95 7.78
N ARG A 41 7.82 -1.79 7.82
CA ARG A 41 8.71 -2.61 7.04
C ARG A 41 8.44 -2.45 5.55
N TYR A 42 9.52 -2.37 4.76
CA TYR A 42 9.39 -2.23 3.32
C TYR A 42 9.04 -3.55 2.65
N CYS A 43 9.28 -4.66 3.37
CA CYS A 43 8.98 -5.99 2.86
C CYS A 43 7.57 -6.03 2.26
N CYS A 44 6.70 -5.16 2.76
CA CYS A 44 5.32 -5.09 2.28
C CYS A 44 5.23 -4.14 1.09
N ARG A 45 5.69 -2.90 1.29
CA ARG A 45 5.66 -1.90 0.23
C ARG A 45 6.17 -2.45 -1.09
N ARG A 46 7.40 -3.00 -1.07
CA ARG A 46 8.03 -3.56 -2.26
C ARG A 46 7.02 -4.30 -3.13
N MET A 47 6.21 -5.14 -2.49
CA MET A 47 5.20 -5.90 -3.21
C MET A 47 3.98 -5.04 -3.49
N LEU A 48 3.71 -4.10 -2.60
CA LEU A 48 2.56 -3.22 -2.73
C LEU A 48 2.80 -2.09 -3.73
N ILE A 49 3.67 -1.15 -3.35
CA ILE A 49 3.95 0.01 -4.21
C ILE A 49 4.12 -0.40 -5.67
N SER A 50 4.59 -1.61 -5.89
CA SER A 50 4.78 -2.12 -7.25
C SER A 50 3.47 -2.61 -7.83
N HIS A 51 2.96 -3.72 -7.30
CA HIS A 51 1.73 -4.31 -7.78
C HIS A 51 0.50 -3.71 -7.09
N VAL A 52 0.27 -4.16 -5.85
CA VAL A 52 -0.88 -3.72 -5.04
C VAL A 52 -2.13 -3.47 -5.90
N GLU A 53 -3.01 -4.47 -5.95
CA GLU A 53 -4.23 -4.38 -6.73
C GLU A 53 -5.14 -3.27 -6.20
N THR A 54 -4.97 -2.91 -4.93
CA THR A 54 -5.77 -1.88 -4.31
C THR A 54 -7.25 -2.12 -4.55
N TRP A 55 -7.83 -3.06 -3.79
CA TRP A 55 -9.25 -3.40 -3.92
C TRP A 55 -9.52 -4.08 -5.27
N MET A 1 -4.64 -9.90 6.94
CA MET A 1 -3.97 -9.69 5.66
C MET A 1 -2.90 -10.76 5.44
N ILE A 2 -2.01 -10.53 4.46
CA ILE A 2 -0.99 -11.52 4.13
C ILE A 2 -1.67 -12.79 3.63
N PRO A 3 -2.35 -12.71 2.48
CA PRO A 3 -3.03 -13.85 1.88
C PRO A 3 -2.13 -14.61 0.92
N VAL A 4 -0.81 -14.35 1.04
CA VAL A 4 0.21 -14.89 0.14
C VAL A 4 1.36 -13.88 0.04
N ARG A 5 1.03 -12.60 0.24
CA ARG A 5 2.01 -11.54 0.14
C ARG A 5 1.96 -10.61 1.36
N CYS A 6 3.13 -10.20 1.84
CA CYS A 6 3.22 -9.30 2.98
C CYS A 6 2.47 -8.00 2.70
N LEU A 7 1.26 -7.91 3.24
CA LEU A 7 0.42 -6.74 3.05
C LEU A 7 -0.03 -6.19 4.40
N SER A 8 0.87 -6.26 5.38
CA SER A 8 0.57 -5.76 6.73
C SER A 8 1.82 -5.79 7.61
N CYS A 9 2.20 -6.99 8.05
CA CYS A 9 3.38 -7.16 8.90
C CYS A 9 3.13 -6.61 10.31
N GLY A 10 1.86 -6.40 10.66
CA GLY A 10 1.53 -5.88 11.97
C GLY A 10 0.49 -4.78 11.90
N LYS A 11 0.50 -4.05 10.78
CA LYS A 11 -0.43 -2.96 10.58
C LYS A 11 -1.26 -3.20 9.30
N PRO A 12 -2.59 -3.27 9.43
CA PRO A 12 -3.46 -3.52 8.28
C PRO A 12 -3.28 -2.49 7.17
N VAL A 13 -3.11 -3.00 5.95
CA VAL A 13 -2.92 -2.12 4.79
C VAL A 13 -4.25 -1.86 4.09
N SER A 14 -5.22 -2.74 4.30
CA SER A 14 -6.54 -2.58 3.71
C SER A 14 -7.09 -1.21 4.05
N ALA A 15 -8.13 -0.79 3.34
CA ALA A 15 -8.71 0.53 3.56
C ALA A 15 -7.74 1.61 3.07
N TYR A 16 -6.59 1.69 3.72
CA TYR A 16 -5.56 2.64 3.33
C TYR A 16 -5.26 2.52 1.84
N PHE A 17 -5.52 1.34 1.28
CA PHE A 17 -5.32 1.13 -0.15
C PHE A 17 -6.01 2.23 -0.95
N ASN A 18 -7.04 2.82 -0.36
CA ASN A 18 -7.76 3.92 -0.98
C ASN A 18 -6.82 5.11 -1.18
N GLU A 19 -5.91 5.30 -0.23
CA GLU A 19 -4.93 6.37 -0.33
C GLU A 19 -4.05 6.15 -1.54
N TYR A 20 -3.44 4.97 -1.60
CA TYR A 20 -2.59 4.61 -2.72
C TYR A 20 -3.35 4.77 -4.03
N GLN A 21 -4.57 4.25 -4.07
CA GLN A 21 -5.42 4.34 -5.25
C GLN A 21 -5.75 5.79 -5.56
N ARG A 22 -6.24 6.51 -4.56
CA ARG A 22 -6.60 7.91 -4.73
C ARG A 22 -5.42 8.71 -5.27
N ARG A 23 -4.26 8.55 -4.63
CA ARG A 23 -3.06 9.27 -5.03
C ARG A 23 -2.58 8.80 -6.41
N VAL A 24 -2.17 7.53 -6.48
CA VAL A 24 -1.68 6.95 -7.74
C VAL A 24 -2.64 7.29 -8.90
N ALA A 25 -3.91 7.49 -8.56
CA ALA A 25 -4.91 7.83 -9.56
C ALA A 25 -4.74 9.25 -10.05
N ASP A 26 -4.34 10.14 -9.14
CA ASP A 26 -4.13 11.54 -9.48
C ASP A 26 -2.73 11.75 -10.05
N GLY A 27 -1.80 10.90 -9.65
CA GLY A 27 -0.44 11.00 -10.14
C GLY A 27 0.54 11.36 -9.03
N GLU A 28 0.22 10.98 -7.81
CA GLU A 28 1.08 11.26 -6.67
C GLU A 28 2.07 10.12 -6.43
N ASP A 29 3.15 10.42 -5.71
CA ASP A 29 4.15 9.41 -5.40
C ASP A 29 3.56 8.39 -4.43
N PRO A 30 3.36 7.14 -4.88
CA PRO A 30 2.79 6.09 -4.03
C PRO A 30 3.58 5.92 -2.74
N LYS A 31 4.92 5.90 -2.88
CA LYS A 31 5.79 5.78 -1.71
C LYS A 31 5.37 6.77 -0.63
N ASP A 32 4.95 7.96 -1.05
CA ASP A 32 4.46 8.96 -0.13
C ASP A 32 3.21 8.42 0.56
N VAL A 33 2.33 7.81 -0.23
CA VAL A 33 1.12 7.22 0.29
C VAL A 33 1.48 6.15 1.32
N LEU A 34 2.46 5.30 0.97
CA LEU A 34 2.90 4.24 1.87
C LEU A 34 3.14 4.80 3.27
N ASP A 35 3.63 6.03 3.33
CA ASP A 35 3.87 6.69 4.60
C ASP A 35 2.56 6.94 5.32
N ASP A 36 1.53 7.27 4.53
CA ASP A 36 0.20 7.51 5.08
C ASP A 36 -0.55 6.20 5.27
N LEU A 37 -0.38 5.28 4.33
CA LEU A 37 -1.03 3.97 4.40
C LEU A 37 -0.87 3.36 5.79
N GLY A 38 0.38 3.13 6.19
CA GLY A 38 0.64 2.57 7.49
C GLY A 38 1.20 1.16 7.43
N LEU A 39 2.19 0.95 6.57
CA LEU A 39 2.81 -0.36 6.42
C LEU A 39 4.28 -0.30 6.82
N LYS A 40 4.55 -0.59 8.09
CA LYS A 40 5.91 -0.53 8.63
C LYS A 40 6.91 -1.20 7.70
N ARG A 41 7.07 -2.52 7.85
CA ARG A 41 8.03 -3.28 7.05
C ARG A 41 7.93 -2.92 5.57
N TYR A 42 9.08 -2.69 4.95
CA TYR A 42 9.13 -2.34 3.53
C TYR A 42 8.85 -3.57 2.68
N CYS A 43 9.15 -4.75 3.22
CA CYS A 43 8.91 -6.00 2.51
C CYS A 43 7.49 -6.04 1.93
N CYS A 44 6.59 -5.30 2.56
CA CYS A 44 5.21 -5.22 2.10
C CYS A 44 5.07 -4.17 1.01
N ARG A 45 5.46 -2.94 1.32
CA ARG A 45 5.37 -1.84 0.37
C ARG A 45 5.92 -2.23 -1.00
N ARG A 46 7.20 -2.63 -1.04
CA ARG A 46 7.86 -3.01 -2.29
C ARG A 46 6.92 -3.78 -3.22
N MET A 47 6.18 -4.72 -2.63
CA MET A 47 5.23 -5.51 -3.40
C MET A 47 3.99 -4.70 -3.75
N LEU A 48 3.55 -3.89 -2.78
CA LEU A 48 2.37 -3.06 -2.96
C LEU A 48 2.64 -1.87 -3.87
N ILE A 49 3.55 -0.98 -3.45
CA ILE A 49 3.86 0.23 -4.24
C ILE A 49 3.93 -0.08 -5.74
N SER A 50 4.34 -1.30 -6.06
CA SER A 50 4.43 -1.73 -7.44
C SER A 50 3.11 -2.29 -7.94
N HIS A 51 2.78 -3.50 -7.49
CA HIS A 51 1.55 -4.17 -7.91
C HIS A 51 0.38 -3.80 -7.01
N VAL A 52 0.47 -4.16 -5.73
CA VAL A 52 -0.61 -3.91 -4.77
C VAL A 52 -1.96 -4.33 -5.35
N GLU A 53 -2.21 -5.64 -5.39
CA GLU A 53 -3.46 -6.17 -5.91
C GLU A 53 -4.66 -5.42 -5.36
N THR A 54 -5.12 -4.41 -6.10
CA THR A 54 -6.27 -3.61 -5.69
C THR A 54 -7.54 -4.10 -6.36
N TRP A 55 -7.69 -5.42 -6.46
CA TRP A 55 -8.86 -6.02 -7.09
C TRP A 55 -9.05 -5.49 -8.50
N MET A 1 -6.99 -7.57 1.79
CA MET A 1 -5.59 -7.87 1.55
C MET A 1 -5.43 -9.30 1.03
N ILE A 2 -4.24 -9.62 0.55
CA ILE A 2 -3.96 -10.97 0.06
C ILE A 2 -4.05 -11.96 1.21
N PRO A 3 -4.59 -13.17 0.96
CA PRO A 3 -4.72 -14.23 1.97
C PRO A 3 -3.42 -14.96 2.20
N VAL A 4 -2.35 -14.20 2.46
CA VAL A 4 -0.99 -14.72 2.61
C VAL A 4 0.01 -13.63 2.19
N ARG A 5 1.22 -13.70 2.73
CA ARG A 5 2.27 -12.73 2.41
C ARG A 5 2.06 -11.42 3.16
N CYS A 6 2.83 -10.41 2.78
CA CYS A 6 2.73 -9.08 3.36
C CYS A 6 1.31 -8.55 3.14
N LEU A 7 1.17 -7.22 3.16
CA LEU A 7 -0.12 -6.56 2.99
C LEU A 7 -0.86 -6.51 4.33
N SER A 8 -0.08 -6.36 5.39
CA SER A 8 -0.61 -6.29 6.74
C SER A 8 0.53 -6.36 7.76
N CYS A 9 1.11 -7.54 7.89
CA CYS A 9 2.24 -7.76 8.80
C CYS A 9 1.99 -7.14 10.17
N GLY A 10 0.72 -7.03 10.54
CA GLY A 10 0.36 -6.43 11.80
C GLY A 10 -0.42 -5.15 11.63
N LYS A 11 -0.29 -4.54 10.45
CA LYS A 11 -0.96 -3.28 10.15
C LYS A 11 -1.74 -3.39 8.85
N PRO A 12 -3.07 -3.54 8.93
CA PRO A 12 -3.93 -3.66 7.75
C PRO A 12 -3.65 -2.58 6.72
N VAL A 13 -3.55 -2.98 5.46
CA VAL A 13 -3.27 -2.04 4.37
C VAL A 13 -4.47 -1.89 3.44
N SER A 14 -5.36 -2.88 3.45
CA SER A 14 -6.55 -2.84 2.60
C SER A 14 -7.38 -1.60 2.87
N ALA A 15 -7.46 -1.20 4.14
CA ALA A 15 -8.21 -0.01 4.52
C ALA A 15 -7.55 1.25 3.98
N TYR A 16 -6.23 1.29 4.01
CA TYR A 16 -5.48 2.44 3.53
C TYR A 16 -5.29 2.38 2.01
N PHE A 17 -5.40 1.17 1.45
CA PHE A 17 -5.26 0.98 0.01
C PHE A 17 -6.01 2.06 -0.78
N ASN A 18 -7.08 2.57 -0.18
CA ASN A 18 -7.87 3.63 -0.81
C ASN A 18 -7.00 4.87 -1.02
N GLU A 19 -6.21 5.20 0.00
CA GLU A 19 -5.31 6.36 -0.09
C GLU A 19 -4.36 6.21 -1.27
N TYR A 20 -3.72 5.05 -1.35
CA TYR A 20 -2.81 4.75 -2.44
C TYR A 20 -3.51 4.94 -3.78
N GLN A 21 -4.70 4.36 -3.89
CA GLN A 21 -5.49 4.46 -5.10
C GLN A 21 -5.67 5.91 -5.53
N ARG A 22 -6.30 6.70 -4.65
CA ARG A 22 -6.54 8.12 -4.94
C ARG A 22 -5.28 8.79 -5.44
N ARG A 23 -4.21 8.70 -4.65
CA ARG A 23 -2.93 9.30 -5.01
C ARG A 23 -2.47 8.83 -6.39
N VAL A 24 -2.14 7.54 -6.48
CA VAL A 24 -1.68 6.97 -7.74
C VAL A 24 -2.63 7.32 -8.88
N ALA A 25 -3.89 7.57 -8.53
CA ALA A 25 -4.90 7.91 -9.52
C ALA A 25 -4.62 9.28 -10.14
N ASP A 26 -4.58 10.30 -9.30
CA ASP A 26 -4.32 11.65 -9.76
C ASP A 26 -2.91 11.77 -10.34
N GLY A 27 -1.99 10.96 -9.82
CA GLY A 27 -0.63 10.98 -10.29
C GLY A 27 0.36 11.37 -9.21
N GLU A 28 0.05 10.98 -7.97
CA GLU A 28 0.92 11.30 -6.85
C GLU A 28 1.90 10.17 -6.57
N ASP A 29 3.00 10.50 -5.89
CA ASP A 29 4.02 9.51 -5.56
C ASP A 29 3.46 8.50 -4.55
N PRO A 30 3.28 7.23 -4.95
CA PRO A 30 2.76 6.19 -4.06
C PRO A 30 3.61 6.04 -2.82
N LYS A 31 4.93 6.07 -2.99
CA LYS A 31 5.86 5.96 -1.87
C LYS A 31 5.46 6.93 -0.77
N ASP A 32 5.02 8.12 -1.16
CA ASP A 32 4.55 9.10 -0.21
C ASP A 32 3.31 8.57 0.49
N VAL A 33 2.43 7.95 -0.31
CA VAL A 33 1.23 7.35 0.21
C VAL A 33 1.58 6.29 1.25
N LEU A 34 2.57 5.47 0.93
CA LEU A 34 3.02 4.41 1.85
C LEU A 34 3.23 4.98 3.24
N ASP A 35 3.83 6.16 3.31
CA ASP A 35 4.05 6.83 4.58
C ASP A 35 2.72 7.12 5.26
N ASP A 36 1.71 7.38 4.44
CA ASP A 36 0.36 7.66 4.94
C ASP A 36 -0.40 6.37 5.23
N LEU A 37 -0.27 5.40 4.32
CA LEU A 37 -0.93 4.11 4.47
C LEU A 37 -0.72 3.55 5.88
N GLY A 38 0.52 3.61 6.34
CA GLY A 38 0.83 3.12 7.67
C GLY A 38 1.88 2.01 7.65
N LEU A 39 1.73 1.09 6.71
CA LEU A 39 2.66 -0.05 6.58
C LEU A 39 4.10 0.36 6.86
N LYS A 40 4.65 -0.17 7.96
CA LYS A 40 6.02 0.14 8.34
C LYS A 40 7.03 -0.63 7.51
N ARG A 41 7.15 -1.92 7.77
CA ARG A 41 8.09 -2.77 7.04
C ARG A 41 7.92 -2.62 5.54
N TYR A 42 9.03 -2.54 4.83
CA TYR A 42 9.01 -2.39 3.38
C TYR A 42 8.63 -3.70 2.70
N CYS A 43 8.80 -4.81 3.42
CA CYS A 43 8.47 -6.13 2.87
C CYS A 43 7.09 -6.12 2.20
N CYS A 44 6.23 -5.23 2.68
CA CYS A 44 4.89 -5.09 2.13
C CYS A 44 4.91 -4.09 0.97
N ARG A 45 5.38 -2.88 1.25
CA ARG A 45 5.44 -1.83 0.24
C ARG A 45 6.07 -2.35 -1.05
N ARG A 46 7.31 -2.86 -0.95
CA ARG A 46 8.03 -3.36 -2.11
C ARG A 46 7.12 -4.11 -3.09
N MET A 47 6.13 -4.82 -2.53
CA MET A 47 5.18 -5.55 -3.36
C MET A 47 4.01 -4.66 -3.73
N LEU A 48 3.59 -3.81 -2.80
CA LEU A 48 2.45 -2.93 -3.00
C LEU A 48 2.77 -1.77 -3.92
N ILE A 49 3.66 -0.88 -3.46
CA ILE A 49 4.02 0.33 -4.21
C ILE A 49 4.10 0.08 -5.72
N SER A 50 4.45 -1.15 -6.10
CA SER A 50 4.56 -1.50 -7.50
C SER A 50 3.19 -1.84 -8.10
N HIS A 51 2.74 -3.06 -7.83
CA HIS A 51 1.45 -3.52 -8.36
C HIS A 51 0.29 -3.19 -7.42
N VAL A 52 0.28 -3.80 -6.24
CA VAL A 52 -0.80 -3.62 -5.28
C VAL A 52 -2.17 -3.63 -5.95
N GLU A 53 -2.28 -4.36 -7.06
CA GLU A 53 -3.52 -4.47 -7.80
C GLU A 53 -4.15 -3.09 -8.01
N THR A 54 -3.90 -2.51 -9.18
CA THR A 54 -4.44 -1.19 -9.52
C THR A 54 -4.55 -1.01 -11.02
N TRP A 55 -5.56 -0.25 -11.45
CA TRP A 55 -5.77 0.01 -12.87
C TRP A 55 -5.79 1.50 -13.16
N MET A 1 -6.76 -7.24 1.32
CA MET A 1 -5.35 -7.60 1.24
C MET A 1 -5.17 -9.06 0.85
N ILE A 2 -4.00 -9.39 0.34
CA ILE A 2 -3.69 -10.76 -0.07
C ILE A 2 -3.69 -11.69 1.16
N PRO A 3 -4.23 -12.90 1.00
CA PRO A 3 -4.32 -13.89 2.09
C PRO A 3 -3.07 -14.74 2.21
N VAL A 4 -1.92 -14.11 2.13
CA VAL A 4 -0.67 -14.85 2.11
C VAL A 4 0.53 -13.91 2.24
N ARG A 5 0.82 -13.17 1.19
CA ARG A 5 1.97 -12.28 1.16
C ARG A 5 1.92 -11.26 2.30
N CYS A 6 2.99 -10.47 2.41
CA CYS A 6 3.08 -9.44 3.44
C CYS A 6 2.49 -8.13 2.95
N LEU A 7 1.26 -7.85 3.38
CA LEU A 7 0.58 -6.62 3.03
C LEU A 7 -0.06 -6.03 4.28
N SER A 8 0.68 -6.08 5.38
CA SER A 8 0.21 -5.58 6.65
C SER A 8 1.37 -5.42 7.62
N CYS A 9 1.79 -6.53 8.21
CA CYS A 9 2.91 -6.54 9.16
C CYS A 9 2.51 -5.98 10.51
N GLY A 10 1.21 -5.99 10.79
CA GLY A 10 0.73 -5.49 12.07
C GLY A 10 -0.44 -4.54 11.91
N LYS A 11 -0.55 -3.93 10.74
CA LYS A 11 -1.61 -2.98 10.47
C LYS A 11 -2.25 -3.24 9.10
N PRO A 12 -3.58 -3.13 9.00
CA PRO A 12 -4.31 -3.35 7.75
C PRO A 12 -3.92 -2.34 6.67
N VAL A 13 -3.72 -2.83 5.45
CA VAL A 13 -3.34 -1.97 4.34
C VAL A 13 -4.53 -1.74 3.40
N SER A 14 -5.51 -2.63 3.46
CA SER A 14 -6.70 -2.52 2.62
C SER A 14 -7.44 -1.20 2.88
N ALA A 15 -7.59 -0.86 4.15
CA ALA A 15 -8.27 0.37 4.54
C ALA A 15 -7.54 1.59 3.99
N TYR A 16 -6.21 1.49 3.94
CA TYR A 16 -5.39 2.58 3.45
C TYR A 16 -5.21 2.50 1.94
N PHE A 17 -5.35 1.30 1.39
CA PHE A 17 -5.21 1.08 -0.05
C PHE A 17 -5.96 2.16 -0.83
N ASN A 18 -7.09 2.62 -0.27
CA ASN A 18 -7.88 3.66 -0.91
C ASN A 18 -7.03 4.92 -1.12
N GLU A 19 -6.18 5.21 -0.15
CA GLU A 19 -5.29 6.36 -0.26
C GLU A 19 -4.34 6.20 -1.44
N TYR A 20 -3.70 5.04 -1.51
CA TYR A 20 -2.80 4.73 -2.61
C TYR A 20 -3.51 4.91 -3.95
N GLN A 21 -4.70 4.33 -4.04
CA GLN A 21 -5.50 4.42 -5.26
C GLN A 21 -5.70 5.89 -5.66
N ARG A 22 -6.40 6.64 -4.81
CA ARG A 22 -6.66 8.05 -5.06
C ARG A 22 -5.38 8.77 -5.45
N ARG A 23 -4.33 8.57 -4.64
CA ARG A 23 -3.04 9.20 -4.90
C ARG A 23 -2.50 8.80 -6.26
N VAL A 24 -2.21 7.51 -6.43
CA VAL A 24 -1.71 7.00 -7.70
C VAL A 24 -2.67 7.33 -8.84
N ALA A 25 -3.94 7.53 -8.50
CA ALA A 25 -4.96 7.85 -9.49
C ALA A 25 -4.69 9.21 -10.11
N ASP A 26 -4.68 10.25 -9.27
CA ASP A 26 -4.43 11.61 -9.74
C ASP A 26 -2.98 11.77 -10.18
N GLY A 27 -2.12 10.85 -9.76
CA GLY A 27 -0.72 10.92 -10.11
C GLY A 27 0.15 11.30 -8.93
N GLU A 28 -0.33 10.99 -7.72
CA GLU A 28 0.40 11.30 -6.51
C GLU A 28 1.37 10.19 -6.15
N ASP A 29 2.60 10.58 -5.80
CA ASP A 29 3.64 9.61 -5.46
C ASP A 29 3.13 8.56 -4.47
N PRO A 30 3.11 7.28 -4.87
CA PRO A 30 2.65 6.19 -4.00
C PRO A 30 3.56 6.02 -2.79
N LYS A 31 4.87 6.05 -3.03
CA LYS A 31 5.84 5.92 -1.95
C LYS A 31 5.48 6.84 -0.79
N ASP A 32 5.03 8.03 -1.12
CA ASP A 32 4.57 8.98 -0.11
C ASP A 32 3.32 8.44 0.55
N VAL A 33 2.42 7.90 -0.27
CA VAL A 33 1.20 7.29 0.24
C VAL A 33 1.53 6.22 1.27
N LEU A 34 2.51 5.38 0.94
CA LEU A 34 2.94 4.32 1.85
C LEU A 34 3.19 4.87 3.24
N ASP A 35 3.86 6.02 3.30
CA ASP A 35 4.12 6.68 4.57
C ASP A 35 2.81 6.92 5.29
N ASP A 36 1.75 7.14 4.52
CA ASP A 36 0.42 7.37 5.06
C ASP A 36 -0.30 6.04 5.29
N LEU A 37 -0.16 5.13 4.33
CA LEU A 37 -0.79 3.82 4.41
C LEU A 37 -0.49 3.17 5.77
N GLY A 38 0.72 3.37 6.25
CA GLY A 38 1.13 2.83 7.53
C GLY A 38 1.23 1.32 7.52
N LEU A 39 2.16 0.80 6.70
CA LEU A 39 2.36 -0.64 6.61
C LEU A 39 3.60 -1.08 7.39
N LYS A 40 3.97 -0.28 8.39
CA LYS A 40 5.12 -0.58 9.24
C LYS A 40 6.39 -0.81 8.43
N ARG A 41 6.64 -2.06 8.05
CA ARG A 41 7.87 -2.39 7.31
C ARG A 41 7.72 -2.09 5.82
N TYR A 42 8.80 -2.35 5.08
CA TYR A 42 8.80 -2.11 3.64
C TYR A 42 8.61 -3.43 2.87
N CYS A 43 8.90 -4.55 3.53
CA CYS A 43 8.75 -5.86 2.90
C CYS A 43 7.39 -5.98 2.22
N CYS A 44 6.42 -5.22 2.73
CA CYS A 44 5.08 -5.20 2.17
C CYS A 44 4.99 -4.16 1.06
N ARG A 45 5.48 -2.96 1.35
CA ARG A 45 5.46 -1.87 0.38
C ARG A 45 6.02 -2.29 -0.97
N ARG A 46 7.28 -2.72 -0.99
CA ARG A 46 7.95 -3.12 -2.22
C ARG A 46 7.03 -3.90 -3.16
N MET A 47 6.21 -4.77 -2.59
CA MET A 47 5.30 -5.58 -3.39
C MET A 47 4.03 -4.82 -3.75
N LEU A 48 3.64 -3.89 -2.88
CA LEU A 48 2.42 -3.12 -3.10
C LEU A 48 2.65 -1.95 -4.05
N ILE A 49 3.50 -1.01 -3.62
CA ILE A 49 3.79 0.19 -4.41
C ILE A 49 3.94 -0.15 -5.89
N SER A 50 4.39 -1.36 -6.18
CA SER A 50 4.57 -1.81 -7.56
C SER A 50 3.28 -2.39 -8.15
N HIS A 51 2.92 -3.57 -7.68
CA HIS A 51 1.74 -4.27 -8.18
C HIS A 51 0.48 -3.90 -7.42
N VAL A 52 0.40 -4.34 -6.16
CA VAL A 52 -0.78 -4.13 -5.32
C VAL A 52 -2.08 -4.24 -6.11
N GLU A 53 -2.42 -5.47 -6.49
CA GLU A 53 -3.64 -5.72 -7.26
C GLU A 53 -4.84 -4.98 -6.68
N THR A 54 -5.34 -4.00 -7.42
CA THR A 54 -6.48 -3.21 -6.98
C THR A 54 -7.69 -3.45 -7.87
N TRP A 55 -7.87 -4.69 -8.31
CA TRP A 55 -8.99 -5.05 -9.17
C TRP A 55 -10.21 -5.44 -8.35
N MET A 1 -5.83 -6.05 0.43
CA MET A 1 -4.53 -6.68 0.69
C MET A 1 -4.58 -8.16 0.35
N ILE A 2 -3.48 -8.69 -0.17
CA ILE A 2 -3.42 -10.10 -0.55
C ILE A 2 -3.06 -10.98 0.65
N PRO A 3 -3.73 -12.14 0.78
CA PRO A 3 -3.46 -13.09 1.87
C PRO A 3 -2.13 -13.80 1.67
N VAL A 4 -1.78 -14.67 2.61
CA VAL A 4 -0.56 -15.45 2.48
C VAL A 4 0.67 -14.55 2.51
N ARG A 5 0.89 -13.82 1.43
CA ARG A 5 2.05 -12.94 1.30
C ARG A 5 1.97 -11.76 2.26
N CYS A 6 2.93 -10.85 2.10
CA CYS A 6 2.98 -9.62 2.87
C CYS A 6 1.68 -8.84 2.68
N LEU A 7 1.69 -7.54 3.01
CA LEU A 7 0.53 -6.66 2.89
C LEU A 7 -0.25 -6.63 4.20
N SER A 8 0.48 -6.76 5.30
CA SER A 8 -0.11 -6.74 6.64
C SER A 8 0.96 -6.93 7.70
N CYS A 9 1.54 -8.14 7.74
CA CYS A 9 2.59 -8.45 8.69
C CYS A 9 2.20 -8.03 10.11
N GLY A 10 0.89 -7.97 10.37
CA GLY A 10 0.42 -7.58 11.68
C GLY A 10 -0.36 -6.28 11.66
N LYS A 11 -0.14 -5.48 10.63
CA LYS A 11 -0.83 -4.21 10.50
C LYS A 11 -1.84 -4.23 9.36
N PRO A 12 -2.79 -3.29 9.36
CA PRO A 12 -3.84 -3.20 8.35
C PRO A 12 -3.46 -2.28 7.21
N VAL A 13 -3.48 -2.81 5.99
CA VAL A 13 -3.17 -2.02 4.80
C VAL A 13 -4.31 -2.03 3.80
N SER A 14 -5.49 -2.49 4.23
CA SER A 14 -6.65 -2.55 3.35
C SER A 14 -7.33 -1.19 3.23
N ALA A 15 -7.89 -0.73 4.33
CA ALA A 15 -8.58 0.56 4.36
C ALA A 15 -7.68 1.69 3.86
N TYR A 16 -6.37 1.45 3.90
CA TYR A 16 -5.41 2.46 3.47
C TYR A 16 -5.17 2.39 1.96
N PHE A 17 -5.35 1.20 1.38
CA PHE A 17 -5.17 1.02 -0.05
C PHE A 17 -5.92 2.10 -0.84
N ASN A 18 -7.03 2.55 -0.28
CA ASN A 18 -7.81 3.61 -0.92
C ASN A 18 -6.96 4.85 -1.09
N GLU A 19 -6.09 5.10 -0.12
CA GLU A 19 -5.19 6.25 -0.18
C GLU A 19 -4.24 6.10 -1.36
N TYR A 20 -3.52 4.99 -1.40
CA TYR A 20 -2.61 4.70 -2.50
C TYR A 20 -3.32 4.87 -3.84
N GLN A 21 -4.49 4.27 -3.95
CA GLN A 21 -5.28 4.35 -5.18
C GLN A 21 -5.61 5.80 -5.52
N ARG A 22 -6.18 6.52 -4.56
CA ARG A 22 -6.54 7.92 -4.76
C ARG A 22 -5.36 8.71 -5.30
N ARG A 23 -4.23 8.62 -4.61
CA ARG A 23 -3.02 9.33 -5.02
C ARG A 23 -2.56 8.89 -6.40
N VAL A 24 -2.17 7.62 -6.51
CA VAL A 24 -1.71 7.07 -7.77
C VAL A 24 -2.67 7.39 -8.92
N ALA A 25 -3.95 7.53 -8.58
CA ALA A 25 -4.97 7.86 -9.58
C ALA A 25 -4.66 9.19 -10.24
N ASP A 26 -4.41 10.21 -9.43
CA ASP A 26 -4.11 11.54 -9.94
C ASP A 26 -2.69 11.59 -10.51
N GLY A 27 -1.81 10.79 -9.93
CA GLY A 27 -0.43 10.76 -10.38
C GLY A 27 0.55 11.18 -9.31
N GLU A 28 0.17 10.98 -8.05
CA GLU A 28 1.02 11.35 -6.93
C GLU A 28 2.02 10.24 -6.62
N ASP A 29 3.05 10.58 -5.86
CA ASP A 29 4.07 9.62 -5.48
C ASP A 29 3.50 8.63 -4.46
N PRO A 30 3.34 7.35 -4.86
CA PRO A 30 2.79 6.33 -3.97
C PRO A 30 3.60 6.20 -2.69
N LYS A 31 4.92 6.25 -2.82
CA LYS A 31 5.81 6.14 -1.66
C LYS A 31 5.38 7.11 -0.57
N ASP A 32 4.93 8.30 -0.98
CA ASP A 32 4.40 9.27 -0.03
C ASP A 32 3.14 8.72 0.61
N VAL A 33 2.31 8.07 -0.21
CA VAL A 33 1.11 7.44 0.28
C VAL A 33 1.46 6.40 1.33
N LEU A 34 2.49 5.62 1.07
CA LEU A 34 2.94 4.59 2.00
C LEU A 34 3.11 5.19 3.39
N ASP A 35 3.61 6.42 3.42
CA ASP A 35 3.76 7.13 4.69
C ASP A 35 2.40 7.27 5.36
N ASP A 36 1.37 7.47 4.53
CA ASP A 36 0.00 7.61 5.02
C ASP A 36 -0.62 6.22 5.25
N LEU A 37 -0.42 5.32 4.30
CA LEU A 37 -0.94 3.95 4.41
C LEU A 37 -0.73 3.39 5.81
N GLY A 38 0.41 3.76 6.40
CA GLY A 38 0.74 3.31 7.74
C GLY A 38 0.86 1.79 7.83
N LEU A 39 1.88 1.25 7.19
CA LEU A 39 2.12 -0.19 7.19
C LEU A 39 3.22 -0.57 8.18
N LYS A 40 3.80 -1.76 8.00
CA LYS A 40 4.84 -2.24 8.91
C LYS A 40 6.22 -2.24 8.26
N ARG A 41 6.58 -3.33 7.59
CA ARG A 41 7.90 -3.47 6.97
C ARG A 41 7.84 -3.28 5.46
N TYR A 42 8.94 -2.76 4.89
CA TYR A 42 9.02 -2.52 3.46
C TYR A 42 8.75 -3.80 2.67
N CYS A 43 9.13 -4.95 3.24
CA CYS A 43 8.93 -6.25 2.60
C CYS A 43 7.57 -6.32 1.91
N CYS A 44 6.61 -5.61 2.47
CA CYS A 44 5.26 -5.55 1.92
C CYS A 44 5.17 -4.49 0.82
N ARG A 45 5.51 -3.26 1.16
CA ARG A 45 5.44 -2.15 0.22
C ARG A 45 6.07 -2.53 -1.13
N ARG A 46 7.28 -3.06 -1.09
CA ARG A 46 7.99 -3.46 -2.30
C ARG A 46 7.05 -4.16 -3.28
N MET A 47 6.10 -4.93 -2.73
CA MET A 47 5.12 -5.63 -3.54
C MET A 47 3.91 -4.73 -3.78
N LEU A 48 3.60 -3.90 -2.80
CA LEU A 48 2.43 -3.02 -2.88
C LEU A 48 2.68 -1.84 -3.82
N ILE A 49 3.53 -0.90 -3.39
CA ILE A 49 3.81 0.31 -4.18
C ILE A 49 3.90 0.01 -5.67
N SER A 50 4.36 -1.18 -6.00
CA SER A 50 4.49 -1.59 -7.39
C SER A 50 3.13 -1.98 -7.98
N HIS A 51 2.65 -3.17 -7.63
CA HIS A 51 1.38 -3.66 -8.14
C HIS A 51 0.22 -3.24 -7.25
N VAL A 52 0.12 -3.87 -6.07
CA VAL A 52 -0.97 -3.57 -5.12
C VAL A 52 -2.30 -3.44 -5.84
N GLU A 53 -2.49 -4.23 -6.89
CA GLU A 53 -3.73 -4.20 -7.66
C GLU A 53 -3.96 -2.82 -8.28
N THR A 54 -3.57 -2.67 -9.53
CA THR A 54 -3.72 -1.39 -10.23
C THR A 54 -3.74 -1.59 -11.74
N TRP A 55 -4.90 -1.36 -12.35
CA TRP A 55 -5.06 -1.51 -13.79
C TRP A 55 -5.64 -0.24 -14.41
N MET A 1 -6.72 -6.15 0.27
CA MET A 1 -5.45 -6.78 0.62
C MET A 1 -5.42 -8.24 0.18
N ILE A 2 -4.29 -8.65 -0.40
CA ILE A 2 -4.12 -10.01 -0.88
C ILE A 2 -4.41 -11.01 0.24
N PRO A 3 -5.07 -12.13 -0.07
CA PRO A 3 -5.38 -13.18 0.90
C PRO A 3 -4.20 -14.09 1.14
N VAL A 4 -3.05 -13.48 1.45
CA VAL A 4 -1.78 -14.19 1.60
C VAL A 4 -0.65 -13.20 1.28
N ARG A 5 0.59 -13.58 1.62
CA ARG A 5 1.76 -12.72 1.36
C ARG A 5 1.91 -11.67 2.45
N CYS A 6 2.76 -10.68 2.18
CA CYS A 6 3.00 -9.60 3.13
C CYS A 6 2.40 -8.30 2.62
N LEU A 7 1.24 -7.95 3.17
CA LEU A 7 0.54 -6.72 2.83
C LEU A 7 -0.03 -6.11 4.10
N SER A 8 0.74 -6.20 5.18
CA SER A 8 0.31 -5.68 6.47
C SER A 8 1.46 -5.70 7.48
N CYS A 9 1.88 -6.91 7.85
CA CYS A 9 2.98 -7.07 8.80
C CYS A 9 2.56 -6.67 10.21
N GLY A 10 1.27 -6.76 10.49
CA GLY A 10 0.77 -6.39 11.80
C GLY A 10 -0.25 -5.28 11.75
N LYS A 11 -0.22 -4.51 10.67
CA LYS A 11 -1.14 -3.39 10.50
C LYS A 11 -2.07 -3.62 9.32
N PRO A 12 -3.23 -2.94 9.30
CA PRO A 12 -4.20 -3.06 8.22
C PRO A 12 -3.87 -2.16 7.04
N VAL A 13 -3.78 -2.74 5.85
CA VAL A 13 -3.46 -1.98 4.65
C VAL A 13 -4.66 -1.83 3.71
N SER A 14 -5.76 -2.52 4.04
CA SER A 14 -6.96 -2.48 3.21
C SER A 14 -7.56 -1.08 3.15
N ALA A 15 -8.12 -0.63 4.26
CA ALA A 15 -8.75 0.68 4.32
C ALA A 15 -7.83 1.78 3.81
N TYR A 16 -6.52 1.53 3.88
CA TYR A 16 -5.54 2.50 3.46
C TYR A 16 -5.24 2.40 1.97
N PHE A 17 -5.40 1.20 1.41
CA PHE A 17 -5.18 0.98 -0.01
C PHE A 17 -5.89 2.04 -0.84
N ASN A 18 -7.02 2.52 -0.34
CA ASN A 18 -7.79 3.55 -1.03
C ASN A 18 -6.94 4.82 -1.17
N GLU A 19 -6.10 5.07 -0.18
CA GLU A 19 -5.22 6.23 -0.20
C GLU A 19 -4.20 6.10 -1.35
N TYR A 20 -3.62 4.91 -1.46
CA TYR A 20 -2.68 4.63 -2.54
C TYR A 20 -3.35 4.82 -3.90
N GLN A 21 -4.54 4.26 -4.03
CA GLN A 21 -5.30 4.36 -5.26
C GLN A 21 -5.63 5.81 -5.58
N ARG A 22 -6.16 6.52 -4.59
CA ARG A 22 -6.52 7.93 -4.76
C ARG A 22 -5.33 8.72 -5.28
N ARG A 23 -4.19 8.58 -4.60
CA ARG A 23 -2.98 9.29 -4.99
C ARG A 23 -2.52 8.84 -6.37
N VAL A 24 -2.18 7.56 -6.48
CA VAL A 24 -1.72 6.99 -7.75
C VAL A 24 -2.68 7.35 -8.88
N ALA A 25 -3.97 7.44 -8.56
CA ALA A 25 -4.98 7.78 -9.55
C ALA A 25 -4.67 9.12 -10.21
N ASP A 26 -4.52 10.16 -9.40
CA ASP A 26 -4.20 11.48 -9.90
C ASP A 26 -2.79 11.53 -10.47
N GLY A 27 -1.90 10.76 -9.86
CA GLY A 27 -0.52 10.72 -10.31
C GLY A 27 0.47 11.12 -9.23
N GLU A 28 0.13 10.82 -7.98
CA GLU A 28 0.99 11.16 -6.85
C GLU A 28 1.97 10.03 -6.56
N ASP A 29 3.03 10.36 -5.84
CA ASP A 29 4.04 9.36 -5.48
C ASP A 29 3.49 8.40 -4.43
N PRO A 30 3.32 7.11 -4.78
CA PRO A 30 2.80 6.11 -3.84
C PRO A 30 3.66 5.99 -2.60
N LYS A 31 4.98 6.08 -2.78
CA LYS A 31 5.92 6.01 -1.67
C LYS A 31 5.48 6.95 -0.56
N ASP A 32 5.00 8.14 -0.95
CA ASP A 32 4.47 9.10 0.00
C ASP A 32 3.20 8.55 0.62
N VAL A 33 2.39 7.90 -0.21
CA VAL A 33 1.16 7.28 0.27
C VAL A 33 1.49 6.26 1.35
N LEU A 34 2.52 5.45 1.10
CA LEU A 34 2.95 4.45 2.07
C LEU A 34 3.09 5.06 3.46
N ASP A 35 3.69 6.25 3.50
CA ASP A 35 3.84 6.96 4.76
C ASP A 35 2.48 7.21 5.38
N ASP A 36 1.48 7.40 4.53
CA ASP A 36 0.11 7.63 4.98
C ASP A 36 -0.60 6.31 5.25
N LEU A 37 -0.41 5.35 4.34
CA LEU A 37 -1.00 4.01 4.48
C LEU A 37 -0.82 3.50 5.91
N GLY A 38 0.35 3.74 6.47
CA GLY A 38 0.63 3.31 7.82
C GLY A 38 1.16 1.90 7.90
N LEU A 39 2.14 1.59 7.07
CA LEU A 39 2.73 0.25 7.06
C LEU A 39 4.26 0.34 7.19
N LYS A 40 4.78 -0.18 8.30
CA LYS A 40 6.22 -0.16 8.55
C LYS A 40 6.95 -1.08 7.56
N ARG A 41 8.24 -1.29 7.79
CA ARG A 41 9.04 -2.15 6.93
C ARG A 41 8.81 -1.81 5.46
N TYR A 42 9.41 -2.62 4.58
CA TYR A 42 9.25 -2.44 3.14
C TYR A 42 9.17 -3.79 2.44
N CYS A 43 8.96 -4.85 3.20
CA CYS A 43 8.82 -6.17 2.62
C CYS A 43 7.48 -6.28 1.90
N CYS A 44 6.49 -5.56 2.42
CA CYS A 44 5.18 -5.48 1.77
C CYS A 44 5.15 -4.37 0.74
N ARG A 45 5.59 -3.18 1.15
CA ARG A 45 5.56 -2.01 0.29
C ARG A 45 6.09 -2.33 -1.09
N ARG A 46 7.33 -2.82 -1.15
CA ARG A 46 7.95 -3.17 -2.44
C ARG A 46 6.98 -3.94 -3.33
N MET A 47 6.11 -4.72 -2.71
CA MET A 47 5.09 -5.47 -3.43
C MET A 47 3.85 -4.62 -3.63
N LEU A 48 3.58 -3.75 -2.66
CA LEU A 48 2.42 -2.88 -2.72
C LEU A 48 2.65 -1.68 -3.63
N ILE A 49 3.59 -0.81 -3.24
CA ILE A 49 3.88 0.40 -4.00
C ILE A 49 3.90 0.13 -5.51
N SER A 50 4.31 -1.06 -5.88
CA SER A 50 4.40 -1.42 -7.29
C SER A 50 3.04 -1.84 -7.86
N HIS A 51 2.62 -3.06 -7.55
CA HIS A 51 1.35 -3.58 -8.07
C HIS A 51 0.17 -3.22 -7.17
N VAL A 52 0.07 -3.90 -6.02
CA VAL A 52 -1.02 -3.68 -5.08
C VAL A 52 -2.37 -3.60 -5.81
N GLU A 53 -2.47 -4.30 -6.94
CA GLU A 53 -3.70 -4.30 -7.72
C GLU A 53 -4.04 -2.91 -8.23
N THR A 54 -3.88 -2.69 -9.53
CA THR A 54 -4.18 -1.40 -10.13
C THR A 54 -4.56 -1.56 -11.61
N TRP A 55 -5.68 -0.95 -11.98
CA TRP A 55 -6.16 -1.02 -13.36
C TRP A 55 -6.21 0.37 -13.98
N MET A 1 -6.46 -6.63 0.75
CA MET A 1 -5.08 -7.09 0.75
C MET A 1 -4.99 -8.58 0.45
N ILE A 2 -3.77 -9.10 0.48
CA ILE A 2 -3.54 -10.51 0.21
C ILE A 2 -3.03 -11.21 1.48
N PRO A 3 -3.52 -12.44 1.74
CA PRO A 3 -3.09 -13.22 2.89
C PRO A 3 -1.69 -13.76 2.69
N VAL A 4 -1.16 -14.48 3.66
CA VAL A 4 0.15 -15.08 3.51
C VAL A 4 1.24 -14.01 3.37
N ARG A 5 1.32 -13.43 2.18
CA ARG A 5 2.32 -12.42 1.87
C ARG A 5 2.33 -11.29 2.90
N CYS A 6 3.09 -10.25 2.62
CA CYS A 6 3.21 -9.11 3.52
C CYS A 6 2.50 -7.88 2.96
N LEU A 7 1.29 -7.64 3.44
CA LEU A 7 0.52 -6.48 3.04
C LEU A 7 -0.14 -5.86 4.25
N SER A 8 0.59 -5.85 5.37
CA SER A 8 0.09 -5.30 6.62
C SER A 8 1.19 -5.30 7.69
N CYS A 9 1.76 -6.47 7.94
CA CYS A 9 2.82 -6.60 8.93
C CYS A 9 2.34 -6.19 10.32
N GLY A 10 1.03 -6.26 10.52
CA GLY A 10 0.46 -5.88 11.81
C GLY A 10 -0.56 -4.77 11.69
N LYS A 11 -0.47 -4.02 10.60
CA LYS A 11 -1.40 -2.91 10.37
C LYS A 11 -2.18 -3.12 9.08
N PRO A 12 -3.50 -2.85 9.11
CA PRO A 12 -4.36 -3.01 7.94
C PRO A 12 -3.99 -2.06 6.80
N VAL A 13 -3.86 -2.60 5.60
CA VAL A 13 -3.50 -1.80 4.43
C VAL A 13 -4.69 -1.64 3.49
N SER A 14 -5.70 -2.50 3.65
CA SER A 14 -6.89 -2.45 2.80
C SER A 14 -7.60 -1.11 2.95
N ALA A 15 -7.88 -0.71 4.18
CA ALA A 15 -8.56 0.55 4.44
C ALA A 15 -7.75 1.73 3.93
N TYR A 16 -6.42 1.57 3.94
CA TYR A 16 -5.52 2.62 3.48
C TYR A 16 -5.30 2.53 1.98
N PHE A 17 -5.45 1.33 1.42
CA PHE A 17 -5.26 1.12 -0.01
C PHE A 17 -6.00 2.19 -0.82
N ASN A 18 -7.08 2.72 -0.24
CA ASN A 18 -7.85 3.77 -0.89
C ASN A 18 -6.99 5.00 -1.10
N GLU A 19 -6.13 5.28 -0.11
CA GLU A 19 -5.21 6.41 -0.21
C GLU A 19 -4.28 6.23 -1.39
N TYR A 20 -3.65 5.06 -1.46
CA TYR A 20 -2.74 4.74 -2.56
C TYR A 20 -3.47 4.85 -3.89
N GLN A 21 -4.66 4.26 -3.94
CA GLN A 21 -5.47 4.27 -5.15
C GLN A 21 -5.79 5.70 -5.58
N ARG A 22 -6.38 6.47 -4.67
CA ARG A 22 -6.72 7.86 -4.95
C ARG A 22 -5.49 8.64 -5.41
N ARG A 23 -4.42 8.56 -4.62
CA ARG A 23 -3.19 9.26 -4.94
C ARG A 23 -2.61 8.78 -6.27
N VAL A 24 -2.19 7.52 -6.31
CA VAL A 24 -1.61 6.94 -7.51
C VAL A 24 -2.52 7.19 -8.72
N ALA A 25 -3.83 7.29 -8.46
CA ALA A 25 -4.79 7.53 -9.53
C ALA A 25 -4.54 8.87 -10.20
N ASP A 26 -4.40 9.92 -9.38
CA ASP A 26 -4.16 11.26 -9.91
C ASP A 26 -2.72 11.40 -10.39
N GLY A 27 -1.82 10.65 -9.77
CA GLY A 27 -0.41 10.71 -10.14
C GLY A 27 0.47 11.17 -9.00
N GLU A 28 0.03 10.93 -7.78
CA GLU A 28 0.80 11.32 -6.60
C GLU A 28 1.84 10.26 -6.25
N ASP A 29 2.93 10.69 -5.65
CA ASP A 29 4.00 9.77 -5.26
C ASP A 29 3.47 8.72 -4.28
N PRO A 30 3.33 7.46 -4.73
CA PRO A 30 2.82 6.37 -3.89
C PRO A 30 3.69 6.16 -2.65
N LYS A 31 5.01 6.20 -2.84
CA LYS A 31 5.94 6.03 -1.74
C LYS A 31 5.55 6.92 -0.57
N ASP A 32 5.13 8.15 -0.89
CA ASP A 32 4.65 9.06 0.14
C ASP A 32 3.38 8.50 0.75
N VAL A 33 2.50 7.99 -0.10
CA VAL A 33 1.26 7.38 0.36
C VAL A 33 1.57 6.27 1.34
N LEU A 34 2.56 5.45 1.02
CA LEU A 34 2.97 4.35 1.90
C LEU A 34 3.16 4.85 3.32
N ASP A 35 3.80 6.01 3.44
CA ASP A 35 4.02 6.62 4.74
C ASP A 35 2.68 6.90 5.41
N ASP A 36 1.67 7.16 4.59
CA ASP A 36 0.32 7.42 5.09
C ASP A 36 -0.45 6.12 5.28
N LEU A 37 -0.29 5.20 4.34
CA LEU A 37 -0.95 3.90 4.39
C LEU A 37 -0.74 3.25 5.76
N GLY A 38 0.47 3.38 6.28
CA GLY A 38 0.79 2.80 7.57
C GLY A 38 0.84 1.28 7.52
N LEU A 39 1.73 0.76 6.67
CA LEU A 39 1.87 -0.68 6.52
C LEU A 39 3.11 -1.19 7.26
N LYS A 40 4.07 -0.29 7.48
CA LYS A 40 5.30 -0.65 8.18
C LYS A 40 6.13 -1.65 7.38
N ARG A 41 7.45 -1.51 7.47
CA ARG A 41 8.36 -2.40 6.76
C ARG A 41 8.14 -2.30 5.25
N TYR A 42 9.24 -2.30 4.50
CA TYR A 42 9.17 -2.22 3.04
C TYR A 42 8.84 -3.57 2.44
N CYS A 43 9.06 -4.65 3.19
CA CYS A 43 8.77 -6.00 2.73
C CYS A 43 7.39 -6.06 2.08
N CYS A 44 6.47 -5.24 2.58
CA CYS A 44 5.13 -5.14 2.03
C CYS A 44 5.08 -4.11 0.90
N ARG A 45 5.47 -2.88 1.21
CA ARG A 45 5.46 -1.80 0.24
C ARG A 45 6.03 -2.24 -1.10
N ARG A 46 7.26 -2.77 -1.09
CA ARG A 46 7.93 -3.22 -2.31
C ARG A 46 6.96 -3.93 -3.26
N MET A 47 6.12 -4.79 -2.70
CA MET A 47 5.14 -5.52 -3.50
C MET A 47 3.93 -4.65 -3.78
N LEU A 48 3.62 -3.76 -2.85
CA LEU A 48 2.46 -2.88 -2.98
C LEU A 48 2.72 -1.70 -3.91
N ILE A 49 3.62 -0.80 -3.49
CA ILE A 49 3.93 0.41 -4.26
C ILE A 49 3.99 0.15 -5.76
N SER A 50 4.36 -1.08 -6.14
CA SER A 50 4.47 -1.45 -7.53
C SER A 50 3.14 -1.88 -8.12
N HIS A 51 2.75 -3.12 -7.82
CA HIS A 51 1.51 -3.68 -8.34
C HIS A 51 0.32 -3.40 -7.43
N VAL A 52 0.31 -4.03 -6.27
CA VAL A 52 -0.79 -3.90 -5.32
C VAL A 52 -2.15 -4.04 -6.01
N GLU A 53 -2.16 -4.80 -7.11
CA GLU A 53 -3.38 -5.02 -7.88
C GLU A 53 -3.94 -3.70 -8.39
N THR A 54 -4.78 -3.05 -7.59
CA THR A 54 -5.39 -1.78 -7.97
C THR A 54 -5.88 -1.80 -9.42
N TRP A 55 -6.58 -2.86 -9.80
CA TRP A 55 -7.10 -3.00 -11.15
C TRP A 55 -7.84 -1.75 -11.59
N MET A 1 -6.90 -7.47 2.59
CA MET A 1 -5.47 -7.65 2.35
C MET A 1 -5.16 -9.09 1.93
N ILE A 2 -4.20 -9.24 1.03
CA ILE A 2 -3.79 -10.57 0.57
C ILE A 2 -3.17 -11.37 1.71
N PRO A 3 -3.54 -12.64 1.85
CA PRO A 3 -3.00 -13.52 2.89
C PRO A 3 -1.61 -14.02 2.52
N VAL A 4 -0.98 -14.78 3.40
CA VAL A 4 0.33 -15.32 3.10
C VAL A 4 1.37 -14.20 2.97
N ARG A 5 1.33 -13.52 1.83
CA ARG A 5 2.25 -12.43 1.54
C ARG A 5 2.23 -11.37 2.64
N CYS A 6 3.09 -10.37 2.49
CA CYS A 6 3.18 -9.28 3.45
C CYS A 6 2.52 -8.03 2.92
N LEU A 7 1.31 -7.75 3.40
CA LEU A 7 0.57 -6.57 3.01
C LEU A 7 0.01 -5.88 4.25
N SER A 8 0.84 -5.80 5.28
CA SER A 8 0.46 -5.17 6.54
C SER A 8 1.62 -5.16 7.52
N CYS A 9 1.99 -6.35 8.00
CA CYS A 9 3.11 -6.48 8.94
C CYS A 9 2.74 -5.93 10.32
N GLY A 10 1.44 -5.88 10.60
CA GLY A 10 0.99 -5.38 11.89
C GLY A 10 -0.10 -4.32 11.74
N LYS A 11 -0.14 -3.68 10.59
CA LYS A 11 -1.13 -2.65 10.34
C LYS A 11 -1.92 -2.93 9.07
N PRO A 12 -3.24 -2.64 9.09
CA PRO A 12 -4.10 -2.87 7.93
C PRO A 12 -3.74 -1.97 6.75
N VAL A 13 -3.66 -2.56 5.56
CA VAL A 13 -3.31 -1.81 4.36
C VAL A 13 -4.53 -1.66 3.44
N SER A 14 -5.44 -2.62 3.52
CA SER A 14 -6.64 -2.59 2.69
C SER A 14 -7.43 -1.30 2.89
N ALA A 15 -7.56 -0.89 4.15
CA ALA A 15 -8.29 0.32 4.48
C ALA A 15 -7.59 1.56 3.92
N TYR A 16 -6.26 1.51 3.89
CA TYR A 16 -5.46 2.63 3.39
C TYR A 16 -5.27 2.52 1.88
N PHE A 17 -5.39 1.30 1.35
CA PHE A 17 -5.24 1.07 -0.08
C PHE A 17 -6.00 2.13 -0.89
N ASN A 18 -7.08 2.64 -0.32
CA ASN A 18 -7.87 3.67 -0.97
C ASN A 18 -7.02 4.91 -1.20
N GLU A 19 -6.19 5.26 -0.22
CA GLU A 19 -5.30 6.40 -0.33
C GLU A 19 -4.36 6.22 -1.53
N TYR A 20 -3.71 5.07 -1.57
CA TYR A 20 -2.80 4.77 -2.68
C TYR A 20 -3.52 4.90 -4.00
N GLN A 21 -4.71 4.30 -4.09
CA GLN A 21 -5.52 4.36 -5.29
C GLN A 21 -5.86 5.80 -5.64
N ARG A 22 -6.43 6.51 -4.66
CA ARG A 22 -6.79 7.91 -4.84
C ARG A 22 -5.58 8.73 -5.28
N ARG A 23 -4.48 8.57 -4.56
CA ARG A 23 -3.26 9.29 -4.86
C ARG A 23 -2.69 8.87 -6.21
N VAL A 24 -2.26 7.61 -6.30
CA VAL A 24 -1.70 7.08 -7.54
C VAL A 24 -2.60 7.40 -8.72
N ALA A 25 -3.90 7.48 -8.47
CA ALA A 25 -4.87 7.79 -9.52
C ALA A 25 -4.60 9.16 -10.12
N ASP A 26 -4.39 10.16 -9.24
CA ASP A 26 -4.13 11.51 -9.69
C ASP A 26 -2.71 11.64 -10.25
N GLY A 27 -1.77 10.97 -9.60
CA GLY A 27 -0.39 10.99 -10.05
C GLY A 27 0.59 11.39 -8.97
N GLU A 28 0.26 11.08 -7.71
CA GLU A 28 1.13 11.41 -6.59
C GLU A 28 2.08 10.25 -6.31
N ASP A 29 3.22 10.56 -5.71
CA ASP A 29 4.22 9.56 -5.37
C ASP A 29 3.63 8.54 -4.39
N PRO A 30 3.38 7.29 -4.84
CA PRO A 30 2.82 6.25 -3.98
C PRO A 30 3.67 6.03 -2.74
N LYS A 31 4.99 6.09 -2.92
CA LYS A 31 5.92 5.92 -1.82
C LYS A 31 5.54 6.84 -0.67
N ASP A 32 5.14 8.07 -1.01
CA ASP A 32 4.68 9.01 -0.01
C ASP A 32 3.41 8.48 0.63
N VAL A 33 2.51 7.98 -0.19
CA VAL A 33 1.26 7.41 0.28
C VAL A 33 1.57 6.29 1.29
N LEU A 34 2.53 5.45 0.94
CA LEU A 34 2.93 4.35 1.82
C LEU A 34 3.22 4.88 3.22
N ASP A 35 3.86 6.03 3.29
CA ASP A 35 4.15 6.65 4.57
C ASP A 35 2.84 6.93 5.31
N ASP A 36 1.79 7.18 4.53
CA ASP A 36 0.46 7.44 5.08
C ASP A 36 -0.30 6.14 5.31
N LEU A 37 -0.17 5.22 4.34
CA LEU A 37 -0.83 3.93 4.42
C LEU A 37 -0.59 3.28 5.78
N GLY A 38 0.69 3.16 6.14
CA GLY A 38 1.05 2.59 7.42
C GLY A 38 1.56 1.17 7.33
N LEU A 39 2.55 0.95 6.47
CA LEU A 39 3.13 -0.38 6.27
C LEU A 39 4.64 -0.35 6.46
N LYS A 40 5.08 -0.31 7.70
CA LYS A 40 6.50 -0.28 8.03
C LYS A 40 7.23 -1.46 7.37
N ARG A 41 8.50 -1.62 7.70
CA ARG A 41 9.33 -2.72 7.17
C ARG A 41 9.68 -2.50 5.70
N TYR A 42 8.66 -2.30 4.86
CA TYR A 42 8.83 -2.12 3.41
C TYR A 42 8.69 -3.44 2.67
N CYS A 43 8.94 -4.54 3.38
CA CYS A 43 8.80 -5.87 2.79
C CYS A 43 7.44 -6.00 2.12
N CYS A 44 6.46 -5.26 2.64
CA CYS A 44 5.12 -5.25 2.09
C CYS A 44 5.03 -4.22 0.96
N ARG A 45 5.36 -2.97 1.29
CA ARG A 45 5.31 -1.89 0.31
C ARG A 45 5.95 -2.30 -1.00
N ARG A 46 7.20 -2.74 -0.95
CA ARG A 46 7.93 -3.16 -2.14
C ARG A 46 7.05 -3.96 -3.10
N MET A 47 6.16 -4.77 -2.54
CA MET A 47 5.24 -5.57 -3.35
C MET A 47 3.97 -4.78 -3.66
N LEU A 48 3.59 -3.91 -2.74
CA LEU A 48 2.38 -3.10 -2.90
C LEU A 48 2.60 -1.94 -3.87
N ILE A 49 3.47 -1.01 -3.48
CA ILE A 49 3.74 0.18 -4.30
C ILE A 49 3.85 -0.18 -5.79
N SER A 50 4.29 -1.40 -6.05
CA SER A 50 4.46 -1.86 -7.43
C SER A 50 3.15 -2.40 -7.99
N HIS A 51 2.79 -3.62 -7.57
CA HIS A 51 1.58 -4.27 -8.07
C HIS A 51 0.35 -3.92 -7.24
N VAL A 52 0.35 -4.32 -5.97
CA VAL A 52 -0.78 -4.11 -5.06
C VAL A 52 -2.12 -4.30 -5.78
N GLU A 53 -2.67 -5.50 -5.70
CA GLU A 53 -3.93 -5.81 -6.35
C GLU A 53 -5.08 -5.04 -5.71
N THR A 54 -5.52 -3.98 -6.40
CA THR A 54 -6.62 -3.15 -5.90
C THR A 54 -7.92 -3.52 -6.59
N TRP A 55 -7.86 -3.80 -7.88
CA TRP A 55 -9.04 -4.16 -8.66
C TRP A 55 -9.14 -5.68 -8.83
N MET A 1 -6.82 -6.89 1.64
CA MET A 1 -5.41 -7.26 1.59
C MET A 1 -5.23 -8.69 1.10
N ILE A 2 -4.00 -9.19 1.25
CA ILE A 2 -3.68 -10.55 0.83
C ILE A 2 -3.03 -11.32 1.98
N PRO A 3 -3.51 -12.56 2.24
CA PRO A 3 -2.93 -13.40 3.28
C PRO A 3 -1.55 -13.90 2.87
N VAL A 4 -0.90 -14.67 3.72
CA VAL A 4 0.39 -15.23 3.37
C VAL A 4 1.43 -14.11 3.19
N ARG A 5 1.35 -13.43 2.06
CA ARG A 5 2.26 -12.34 1.74
C ARG A 5 2.24 -11.26 2.81
N CYS A 6 3.10 -10.26 2.65
CA CYS A 6 3.19 -9.16 3.59
C CYS A 6 2.51 -7.91 3.06
N LEU A 7 1.30 -7.64 3.55
CA LEU A 7 0.56 -6.45 3.15
C LEU A 7 -0.03 -5.77 4.38
N SER A 8 0.78 -5.69 5.42
CA SER A 8 0.36 -5.07 6.68
C SER A 8 1.52 -5.00 7.67
N CYS A 9 2.02 -6.17 8.05
CA CYS A 9 3.14 -6.25 8.98
C CYS A 9 2.76 -5.74 10.37
N GLY A 10 1.46 -5.61 10.62
CA GLY A 10 1.00 -5.14 11.92
C GLY A 10 -0.23 -4.26 11.81
N LYS A 11 -0.30 -3.50 10.73
CA LYS A 11 -1.42 -2.59 10.50
C LYS A 11 -2.11 -2.90 9.19
N PRO A 12 -3.45 -2.79 9.15
CA PRO A 12 -4.23 -3.07 7.94
C PRO A 12 -3.90 -2.11 6.81
N VAL A 13 -3.73 -2.64 5.61
CA VAL A 13 -3.40 -1.82 4.45
C VAL A 13 -4.61 -1.68 3.51
N SER A 14 -5.60 -2.57 3.67
CA SER A 14 -6.79 -2.54 2.83
C SER A 14 -7.51 -1.20 2.96
N ALA A 15 -7.88 -0.83 4.18
CA ALA A 15 -8.58 0.43 4.42
C ALA A 15 -7.77 1.61 3.91
N TYR A 16 -6.45 1.47 3.92
CA TYR A 16 -5.56 2.52 3.47
C TYR A 16 -5.33 2.45 1.96
N PHE A 17 -5.44 1.25 1.40
CA PHE A 17 -5.25 1.06 -0.04
C PHE A 17 -6.02 2.10 -0.82
N ASN A 18 -7.11 2.60 -0.24
CA ASN A 18 -7.91 3.64 -0.88
C ASN A 18 -7.10 4.90 -1.07
N GLU A 19 -6.23 5.18 -0.09
CA GLU A 19 -5.37 6.35 -0.15
C GLU A 19 -4.39 6.22 -1.32
N TYR A 20 -3.75 5.07 -1.42
CA TYR A 20 -2.83 4.79 -2.51
C TYR A 20 -3.53 4.97 -3.85
N GLN A 21 -4.71 4.38 -3.97
CA GLN A 21 -5.50 4.46 -5.19
C GLN A 21 -5.75 5.91 -5.57
N ARG A 22 -6.39 6.66 -4.67
CA ARG A 22 -6.69 8.06 -4.91
C ARG A 22 -5.44 8.81 -5.35
N ARG A 23 -4.36 8.65 -4.59
CA ARG A 23 -3.10 9.32 -4.90
C ARG A 23 -2.54 8.85 -6.24
N VAL A 24 -2.21 7.57 -6.33
CA VAL A 24 -1.67 7.00 -7.56
C VAL A 24 -2.60 7.27 -8.74
N ALA A 25 -3.88 7.47 -8.44
CA ALA A 25 -4.88 7.73 -9.48
C ALA A 25 -4.57 9.04 -10.21
N ASP A 26 -4.42 10.11 -9.44
CA ASP A 26 -4.14 11.42 -10.01
C ASP A 26 -2.68 11.51 -10.47
N GLY A 27 -1.82 10.69 -9.87
CA GLY A 27 -0.42 10.69 -10.24
C GLY A 27 0.48 11.10 -9.08
N GLU A 28 0.00 10.93 -7.86
CA GLU A 28 0.76 11.28 -6.67
C GLU A 28 1.77 10.18 -6.33
N ASP A 29 2.91 10.59 -5.79
CA ASP A 29 3.95 9.64 -5.42
C ASP A 29 3.42 8.61 -4.42
N PRO A 30 3.25 7.35 -4.85
CA PRO A 30 2.74 6.29 -3.97
C PRO A 30 3.62 6.11 -2.74
N LYS A 31 4.94 6.16 -2.94
CA LYS A 31 5.88 6.01 -1.83
C LYS A 31 5.48 6.92 -0.68
N ASP A 32 5.08 8.15 -1.01
CA ASP A 32 4.61 9.09 0.01
C ASP A 32 3.33 8.55 0.64
N VAL A 33 2.48 7.96 -0.20
CA VAL A 33 1.24 7.37 0.29
C VAL A 33 1.55 6.27 1.30
N LEU A 34 2.55 5.45 0.98
CA LEU A 34 2.96 4.37 1.88
C LEU A 34 3.17 4.90 3.28
N ASP A 35 3.77 6.07 3.38
CA ASP A 35 3.98 6.72 4.66
C ASP A 35 2.63 6.97 5.33
N ASP A 36 1.63 7.25 4.50
CA ASP A 36 0.28 7.50 4.99
C ASP A 36 -0.47 6.19 5.23
N LEU A 37 -0.33 5.26 4.28
CA LEU A 37 -0.98 3.95 4.37
C LEU A 37 -0.76 3.34 5.75
N GLY A 38 0.50 3.28 6.16
CA GLY A 38 0.83 2.73 7.47
C GLY A 38 1.23 1.27 7.41
N LEU A 39 2.23 0.97 6.59
CA LEU A 39 2.70 -0.41 6.45
C LEU A 39 4.16 -0.53 6.87
N LYS A 40 4.39 -1.01 8.09
CA LYS A 40 5.74 -1.17 8.61
C LYS A 40 6.58 -2.05 7.69
N ARG A 41 7.89 -1.81 7.69
CA ARG A 41 8.81 -2.57 6.86
C ARG A 41 8.46 -2.43 5.38
N TYR A 42 9.49 -2.47 4.53
CA TYR A 42 9.28 -2.34 3.10
C TYR A 42 8.93 -3.68 2.46
N CYS A 43 9.18 -4.77 3.19
CA CYS A 43 8.87 -6.12 2.69
C CYS A 43 7.46 -6.15 2.08
N CYS A 44 6.57 -5.32 2.62
CA CYS A 44 5.21 -5.23 2.12
C CYS A 44 5.14 -4.21 0.98
N ARG A 45 5.48 -2.96 1.30
CA ARG A 45 5.44 -1.88 0.31
C ARG A 45 6.05 -2.31 -1.02
N ARG A 46 7.26 -2.87 -0.97
CA ARG A 46 7.95 -3.32 -2.19
C ARG A 46 7.00 -4.02 -3.15
N MET A 47 6.16 -4.89 -2.60
CA MET A 47 5.20 -5.62 -3.39
C MET A 47 3.97 -4.76 -3.69
N LEU A 48 3.71 -3.81 -2.79
CA LEU A 48 2.57 -2.93 -2.92
C LEU A 48 2.85 -1.77 -3.88
N ILE A 49 3.72 -0.86 -3.46
CA ILE A 49 4.05 0.32 -4.29
C ILE A 49 4.23 -0.06 -5.75
N SER A 50 4.67 -1.29 -5.99
CA SER A 50 4.88 -1.77 -7.35
C SER A 50 3.57 -2.29 -7.96
N HIS A 51 3.17 -3.48 -7.55
CA HIS A 51 1.96 -4.10 -8.08
C HIS A 51 0.72 -3.70 -7.29
N VAL A 52 0.56 -4.32 -6.11
CA VAL A 52 -0.59 -4.09 -5.23
C VAL A 52 -1.93 -4.33 -5.95
N GLU A 53 -2.83 -5.02 -5.28
CA GLU A 53 -4.15 -5.31 -5.85
C GLU A 53 -5.09 -4.13 -5.66
N THR A 54 -5.57 -3.59 -6.77
CA THR A 54 -6.50 -2.46 -6.73
C THR A 54 -7.74 -2.73 -7.57
N TRP A 55 -8.05 -4.02 -7.73
CA TRP A 55 -9.22 -4.42 -8.50
C TRP A 55 -10.47 -4.48 -7.63
N MET A 1 -6.70 -7.58 3.94
CA MET A 1 -5.33 -7.72 3.47
C MET A 1 -5.14 -9.10 2.83
N ILE A 2 -4.27 -9.16 1.82
CA ILE A 2 -3.99 -10.42 1.15
C ILE A 2 -3.18 -11.33 2.07
N PRO A 3 -3.53 -12.63 2.12
CA PRO A 3 -2.81 -13.60 2.94
C PRO A 3 -1.49 -13.97 2.32
N VAL A 4 -0.73 -14.84 2.98
CA VAL A 4 0.55 -15.28 2.44
C VAL A 4 1.53 -14.10 2.33
N ARG A 5 1.31 -13.25 1.34
CA ARG A 5 2.16 -12.09 1.11
C ARG A 5 2.10 -11.11 2.28
N CYS A 6 3.10 -10.24 2.36
CA CYS A 6 3.15 -9.22 3.40
C CYS A 6 2.45 -7.95 2.96
N LEU A 7 1.25 -7.72 3.49
CA LEU A 7 0.48 -6.53 3.18
C LEU A 7 -0.05 -5.90 4.46
N SER A 8 0.78 -5.92 5.49
CA SER A 8 0.41 -5.35 6.78
C SER A 8 1.60 -5.31 7.72
N CYS A 9 2.01 -6.49 8.21
CA CYS A 9 3.15 -6.60 9.11
C CYS A 9 2.82 -6.04 10.50
N GLY A 10 1.53 -5.84 10.77
CA GLY A 10 1.12 -5.32 12.07
C GLY A 10 -0.03 -4.33 11.96
N LYS A 11 -0.08 -3.63 10.83
CA LYS A 11 -1.14 -2.65 10.62
C LYS A 11 -1.87 -2.91 9.31
N PRO A 12 -3.20 -2.71 9.29
CA PRO A 12 -4.01 -2.92 8.09
C PRO A 12 -3.62 -1.99 6.95
N VAL A 13 -3.58 -2.54 5.74
CA VAL A 13 -3.22 -1.77 4.55
C VAL A 13 -4.43 -1.57 3.64
N SER A 14 -5.30 -2.58 3.61
CA SER A 14 -6.50 -2.54 2.77
C SER A 14 -7.29 -1.25 2.99
N ALA A 15 -7.54 -0.93 4.25
CA ALA A 15 -8.30 0.28 4.58
C ALA A 15 -7.61 1.51 4.01
N TYR A 16 -6.28 1.48 3.96
CA TYR A 16 -5.49 2.59 3.46
C TYR A 16 -5.29 2.50 1.95
N PHE A 17 -5.40 1.30 1.41
CA PHE A 17 -5.22 1.09 -0.04
C PHE A 17 -5.98 2.15 -0.83
N ASN A 18 -7.11 2.59 -0.30
CA ASN A 18 -7.91 3.62 -0.94
C ASN A 18 -7.07 4.87 -1.16
N GLU A 19 -6.24 5.20 -0.18
CA GLU A 19 -5.36 6.36 -0.27
C GLU A 19 -4.40 6.18 -1.44
N TYR A 20 -3.72 5.04 -1.49
CA TYR A 20 -2.81 4.73 -2.58
C TYR A 20 -3.54 4.89 -3.92
N GLN A 21 -4.72 4.28 -4.00
CA GLN A 21 -5.54 4.38 -5.20
C GLN A 21 -5.75 5.83 -5.59
N ARG A 22 -6.53 6.54 -4.79
CA ARG A 22 -6.83 7.96 -5.05
C ARG A 22 -5.57 8.72 -5.44
N ARG A 23 -4.52 8.59 -4.63
CA ARG A 23 -3.26 9.28 -4.90
C ARG A 23 -2.67 8.81 -6.22
N VAL A 24 -2.28 7.54 -6.27
CA VAL A 24 -1.69 6.97 -7.47
C VAL A 24 -2.52 7.30 -8.71
N ALA A 25 -3.83 7.41 -8.52
CA ALA A 25 -4.73 7.74 -9.62
C ALA A 25 -4.37 9.08 -10.25
N ASP A 26 -4.44 10.14 -9.45
CA ASP A 26 -4.11 11.48 -9.92
C ASP A 26 -2.67 11.55 -10.39
N GLY A 27 -1.81 10.75 -9.78
CA GLY A 27 -0.40 10.74 -10.15
C GLY A 27 0.51 11.14 -9.01
N GLU A 28 0.06 10.90 -7.78
CA GLU A 28 0.85 11.24 -6.61
C GLU A 28 1.84 10.12 -6.27
N ASP A 29 3.00 10.51 -5.75
CA ASP A 29 4.03 9.54 -5.38
C ASP A 29 3.48 8.53 -4.39
N PRO A 30 3.26 7.27 -4.82
CA PRO A 30 2.74 6.23 -3.95
C PRO A 30 3.61 6.03 -2.72
N LYS A 31 4.93 6.08 -2.92
CA LYS A 31 5.88 5.93 -1.83
C LYS A 31 5.50 6.86 -0.68
N ASP A 32 5.09 8.07 -1.02
CA ASP A 32 4.62 9.02 -0.02
C ASP A 32 3.37 8.49 0.64
N VAL A 33 2.45 7.99 -0.19
CA VAL A 33 1.23 7.40 0.31
C VAL A 33 1.53 6.30 1.32
N LEU A 34 2.50 5.46 0.98
CA LEU A 34 2.92 4.37 1.87
C LEU A 34 3.16 4.90 3.28
N ASP A 35 3.85 6.03 3.37
CA ASP A 35 4.10 6.64 4.66
C ASP A 35 2.78 6.93 5.36
N ASP A 36 1.75 7.19 4.56
CA ASP A 36 0.42 7.47 5.09
C ASP A 36 -0.36 6.18 5.30
N LEU A 37 -0.24 5.26 4.34
CA LEU A 37 -0.91 3.96 4.41
C LEU A 37 -0.74 3.33 5.79
N GLY A 38 0.51 3.26 6.24
CA GLY A 38 0.80 2.71 7.54
C GLY A 38 1.30 1.29 7.48
N LEU A 39 2.31 1.05 6.65
CA LEU A 39 2.88 -0.29 6.52
C LEU A 39 4.34 -0.29 6.98
N LYS A 40 4.54 -0.67 8.24
CA LYS A 40 5.87 -0.68 8.86
C LYS A 40 6.95 -1.18 7.91
N ARG A 41 7.18 -2.49 7.90
CA ARG A 41 8.23 -3.07 7.05
C ARG A 41 8.01 -2.72 5.58
N TYR A 42 9.11 -2.63 4.85
CA TYR A 42 9.05 -2.31 3.43
C TYR A 42 8.76 -3.55 2.61
N CYS A 43 9.05 -4.72 3.17
CA CYS A 43 8.80 -5.99 2.49
C CYS A 43 7.39 -6.01 1.91
N CYS A 44 6.49 -5.26 2.54
CA CYS A 44 5.11 -5.16 2.09
C CYS A 44 5.00 -4.13 0.98
N ARG A 45 5.44 -2.91 1.27
CA ARG A 45 5.40 -1.82 0.29
C ARG A 45 5.98 -2.28 -1.05
N ARG A 46 7.25 -2.69 -1.03
CA ARG A 46 7.96 -3.15 -2.23
C ARG A 46 7.03 -3.93 -3.17
N MET A 47 6.08 -4.65 -2.58
CA MET A 47 5.11 -5.41 -3.34
C MET A 47 3.91 -4.54 -3.70
N LEU A 48 3.43 -3.83 -2.69
CA LEU A 48 2.25 -3.01 -2.83
C LEU A 48 2.46 -1.85 -3.79
N ILE A 49 3.37 -0.94 -3.44
CA ILE A 49 3.64 0.24 -4.27
C ILE A 49 3.68 -0.11 -5.76
N SER A 50 4.09 -1.33 -6.06
CA SER A 50 4.16 -1.79 -7.44
C SER A 50 2.84 -2.36 -7.93
N HIS A 51 2.55 -3.60 -7.52
CA HIS A 51 1.32 -4.28 -7.93
C HIS A 51 0.15 -3.99 -6.99
N VAL A 52 0.32 -4.33 -5.72
CA VAL A 52 -0.74 -4.16 -4.72
C VAL A 52 -2.09 -4.64 -5.27
N GLU A 53 -2.43 -5.89 -4.97
CA GLU A 53 -3.69 -6.46 -5.44
C GLU A 53 -4.88 -5.63 -4.96
N THR A 54 -5.62 -5.07 -5.90
CA THR A 54 -6.79 -4.25 -5.58
C THR A 54 -8.07 -4.94 -6.02
N TRP A 55 -7.97 -5.78 -7.05
CA TRP A 55 -9.12 -6.50 -7.57
C TRP A 55 -9.13 -7.95 -7.10
N MET A 1 -6.82 -7.44 3.85
CA MET A 1 -5.47 -7.58 3.33
C MET A 1 -5.19 -9.02 2.92
N ILE A 2 -4.27 -9.20 1.97
CA ILE A 2 -3.92 -10.53 1.50
C ILE A 2 -3.15 -11.28 2.59
N PRO A 3 -3.52 -12.55 2.86
CA PRO A 3 -2.85 -13.38 3.84
C PRO A 3 -1.50 -13.85 3.34
N VAL A 4 -0.77 -14.60 4.15
CA VAL A 4 0.51 -15.13 3.71
C VAL A 4 1.51 -14.00 3.46
N ARG A 5 1.35 -13.33 2.33
CA ARG A 5 2.23 -12.24 1.93
C ARG A 5 2.32 -11.17 3.00
N CYS A 6 3.00 -10.08 2.68
CA CYS A 6 3.19 -8.97 3.61
C CYS A 6 2.45 -7.73 3.13
N LEU A 7 1.26 -7.51 3.67
CA LEU A 7 0.45 -6.35 3.33
C LEU A 7 -0.07 -5.70 4.60
N SER A 8 0.76 -5.67 5.63
CA SER A 8 0.38 -5.09 6.91
C SER A 8 1.56 -5.06 7.87
N CYS A 9 2.03 -6.22 8.28
CA CYS A 9 3.15 -6.32 9.21
C CYS A 9 2.77 -5.80 10.59
N GLY A 10 1.47 -5.78 10.89
CA GLY A 10 1.01 -5.31 12.16
C GLY A 10 -0.09 -4.27 12.04
N LYS A 11 -0.19 -3.66 10.86
CA LYS A 11 -1.20 -2.64 10.62
C LYS A 11 -1.98 -2.91 9.33
N PRO A 12 -3.27 -2.55 9.31
CA PRO A 12 -4.12 -2.76 8.13
C PRO A 12 -3.75 -1.85 6.97
N VAL A 13 -3.69 -2.43 5.78
CA VAL A 13 -3.34 -1.66 4.58
C VAL A 13 -4.53 -1.55 3.62
N SER A 14 -5.33 -2.61 3.57
CA SER A 14 -6.50 -2.65 2.68
C SER A 14 -7.32 -1.37 2.78
N ALA A 15 -7.67 -0.98 4.01
CA ALA A 15 -8.46 0.23 4.22
C ALA A 15 -7.70 1.47 3.75
N TYR A 16 -6.37 1.39 3.77
CA TYR A 16 -5.53 2.50 3.37
C TYR A 16 -5.26 2.49 1.87
N PHE A 17 -5.43 1.33 1.24
CA PHE A 17 -5.24 1.21 -0.20
C PHE A 17 -5.94 2.35 -0.93
N ASN A 18 -7.00 2.86 -0.32
CA ASN A 18 -7.73 3.99 -0.87
C ASN A 18 -6.80 5.17 -1.09
N GLU A 19 -5.89 5.38 -0.14
CA GLU A 19 -4.90 6.43 -0.25
C GLU A 19 -4.04 6.20 -1.47
N TYR A 20 -3.44 5.02 -1.53
CA TYR A 20 -2.60 4.64 -2.66
C TYR A 20 -3.39 4.80 -3.96
N GLN A 21 -4.61 4.27 -3.97
CA GLN A 21 -5.46 4.36 -5.15
C GLN A 21 -5.80 5.82 -5.47
N ARG A 22 -6.32 6.52 -4.47
CA ARG A 22 -6.67 7.93 -4.64
C ARG A 22 -5.49 8.73 -5.14
N ARG A 23 -4.35 8.58 -4.46
CA ARG A 23 -3.15 9.30 -4.83
C ARG A 23 -2.60 8.81 -6.17
N VAL A 24 -2.19 7.54 -6.22
CA VAL A 24 -1.67 6.95 -7.45
C VAL A 24 -2.60 7.27 -8.63
N ALA A 25 -3.90 7.35 -8.36
CA ALA A 25 -4.88 7.65 -9.39
C ALA A 25 -4.52 8.94 -10.12
N ASP A 26 -4.46 10.04 -9.36
CA ASP A 26 -4.12 11.33 -9.94
C ASP A 26 -2.67 11.35 -10.41
N GLY A 27 -1.81 10.66 -9.69
CA GLY A 27 -0.41 10.58 -10.06
C GLY A 27 0.53 11.02 -8.96
N GLU A 28 0.10 10.86 -7.72
CA GLU A 28 0.93 11.23 -6.58
C GLU A 28 1.90 10.12 -6.22
N ASP A 29 3.07 10.50 -5.71
CA ASP A 29 4.09 9.54 -5.33
C ASP A 29 3.52 8.52 -4.33
N PRO A 30 3.34 7.25 -4.77
CA PRO A 30 2.80 6.21 -3.90
C PRO A 30 3.64 6.01 -2.65
N LYS A 31 4.96 6.05 -2.81
CA LYS A 31 5.87 5.91 -1.69
C LYS A 31 5.48 6.86 -0.57
N ASP A 32 5.01 8.05 -0.95
CA ASP A 32 4.53 9.03 0.01
C ASP A 32 3.26 8.50 0.66
N VAL A 33 2.38 7.95 -0.17
CA VAL A 33 1.15 7.36 0.32
C VAL A 33 1.46 6.28 1.35
N LEU A 34 2.45 5.46 1.04
CA LEU A 34 2.88 4.40 1.95
C LEU A 34 3.09 4.96 3.36
N ASP A 35 3.70 6.13 3.42
CA ASP A 35 3.93 6.80 4.69
C ASP A 35 2.59 7.05 5.39
N ASP A 36 1.57 7.31 4.58
CA ASP A 36 0.22 7.57 5.09
C ASP A 36 -0.54 6.26 5.29
N LEU A 37 -0.38 5.33 4.35
CA LEU A 37 -1.04 4.04 4.42
C LEU A 37 -0.87 3.42 5.80
N GLY A 38 0.38 3.24 6.21
CA GLY A 38 0.67 2.69 7.53
C GLY A 38 1.34 1.33 7.47
N LEU A 39 2.33 1.20 6.61
CA LEU A 39 3.07 -0.06 6.48
C LEU A 39 4.55 0.18 6.75
N LYS A 40 4.99 -0.16 7.95
CA LYS A 40 6.37 0.04 8.35
C LYS A 40 7.35 -0.66 7.40
N ARG A 41 7.61 -1.94 7.65
CA ARG A 41 8.54 -2.71 6.83
C ARG A 41 8.29 -2.49 5.34
N TYR A 42 9.36 -2.40 4.58
CA TYR A 42 9.27 -2.20 3.13
C TYR A 42 8.91 -3.50 2.42
N CYS A 43 9.18 -4.63 3.07
CA CYS A 43 8.88 -5.94 2.49
C CYS A 43 7.46 -5.97 1.93
N CYS A 44 6.58 -5.15 2.52
CA CYS A 44 5.20 -5.06 2.08
C CYS A 44 5.06 -4.06 0.93
N ARG A 45 5.51 -2.84 1.17
CA ARG A 45 5.44 -1.78 0.17
C ARG A 45 5.95 -2.26 -1.17
N ARG A 46 7.21 -2.71 -1.20
CA ARG A 46 7.84 -3.18 -2.43
C ARG A 46 6.88 -4.05 -3.24
N MET A 47 6.02 -4.78 -2.54
CA MET A 47 5.05 -5.66 -3.18
C MET A 47 3.77 -4.90 -3.51
N LEU A 48 3.47 -3.89 -2.71
CA LEU A 48 2.26 -3.08 -2.90
C LEU A 48 2.49 -1.93 -3.86
N ILE A 49 3.35 -0.99 -3.47
CA ILE A 49 3.62 0.21 -4.28
C ILE A 49 3.68 -0.11 -5.77
N SER A 50 4.11 -1.32 -6.10
CA SER A 50 4.20 -1.74 -7.50
C SER A 50 2.87 -2.28 -8.00
N HIS A 51 2.55 -3.52 -7.62
CA HIS A 51 1.33 -4.17 -8.08
C HIS A 51 0.15 -3.87 -7.16
N VAL A 52 0.20 -4.38 -5.93
CA VAL A 52 -0.88 -4.22 -4.97
C VAL A 52 -2.24 -4.49 -5.61
N GLU A 53 -2.27 -5.40 -6.56
CA GLU A 53 -3.50 -5.76 -7.25
C GLU A 53 -3.95 -4.64 -8.18
N THR A 54 -4.37 -3.53 -7.59
CA THR A 54 -4.84 -2.38 -8.36
C THR A 54 -5.91 -2.79 -9.37
N TRP A 55 -7.17 -2.62 -8.98
CA TRP A 55 -8.29 -2.98 -9.85
C TRP A 55 -9.57 -2.29 -9.39
N MET A 1 -6.91 -5.69 0.80
CA MET A 1 -5.55 -6.22 0.93
C MET A 1 -5.49 -7.67 0.46
N ILE A 2 -4.33 -8.04 -0.08
CA ILE A 2 -4.11 -9.40 -0.56
C ILE A 2 -3.85 -10.34 0.62
N PRO A 3 -4.39 -11.57 0.57
CA PRO A 3 -4.15 -12.56 1.62
C PRO A 3 -2.75 -13.12 1.50
N VAL A 4 -2.21 -13.67 2.57
CA VAL A 4 -0.88 -14.24 2.49
C VAL A 4 0.11 -13.13 2.09
N ARG A 5 1.39 -13.37 2.36
CA ARG A 5 2.44 -12.40 2.03
C ARG A 5 2.52 -11.30 3.09
N CYS A 6 3.14 -10.19 2.73
CA CYS A 6 3.30 -9.07 3.65
C CYS A 6 2.61 -7.81 3.14
N LEU A 7 1.36 -7.62 3.58
CA LEU A 7 0.59 -6.44 3.21
C LEU A 7 0.00 -5.82 4.47
N SER A 8 0.80 -5.80 5.53
CA SER A 8 0.37 -5.23 6.80
C SER A 8 1.55 -5.13 7.77
N CYS A 9 2.10 -6.28 8.14
CA CYS A 9 3.25 -6.31 9.06
C CYS A 9 2.88 -5.77 10.43
N GLY A 10 1.59 -5.79 10.75
CA GLY A 10 1.13 -5.30 12.03
C GLY A 10 -0.07 -4.39 11.90
N LYS A 11 -0.19 -3.76 10.73
CA LYS A 11 -1.30 -2.85 10.49
C LYS A 11 -2.01 -3.19 9.19
N PRO A 12 -3.35 -3.10 9.18
CA PRO A 12 -4.15 -3.39 7.98
C PRO A 12 -3.91 -2.38 6.88
N VAL A 13 -3.62 -2.88 5.68
CA VAL A 13 -3.37 -2.01 4.54
C VAL A 13 -4.58 -1.94 3.60
N SER A 14 -5.71 -2.46 4.05
CA SER A 14 -6.92 -2.46 3.23
C SER A 14 -7.57 -1.07 3.20
N ALA A 15 -8.09 -0.63 4.33
CA ALA A 15 -8.74 0.67 4.43
C ALA A 15 -7.85 1.78 3.89
N TYR A 16 -6.54 1.55 3.89
CA TYR A 16 -5.59 2.55 3.43
C TYR A 16 -5.36 2.45 1.92
N PHE A 17 -5.52 1.25 1.37
CA PHE A 17 -5.35 1.05 -0.07
C PHE A 17 -6.14 2.09 -0.86
N ASN A 18 -7.22 2.58 -0.26
CA ASN A 18 -8.04 3.60 -0.90
C ASN A 18 -7.22 4.87 -1.10
N GLU A 19 -6.28 5.11 -0.18
CA GLU A 19 -5.40 6.26 -0.28
C GLU A 19 -4.45 6.11 -1.46
N TYR A 20 -3.81 4.96 -1.54
CA TYR A 20 -2.90 4.66 -2.65
C TYR A 20 -3.62 4.87 -3.98
N GLN A 21 -4.81 4.28 -4.09
CA GLN A 21 -5.62 4.39 -5.30
C GLN A 21 -5.84 5.86 -5.67
N ARG A 22 -6.40 6.62 -4.73
CA ARG A 22 -6.66 8.04 -4.96
C ARG A 22 -5.39 8.75 -5.40
N ARG A 23 -4.33 8.61 -4.61
CA ARG A 23 -3.06 9.25 -4.93
C ARG A 23 -2.55 8.80 -6.29
N VAL A 24 -2.32 7.50 -6.43
CA VAL A 24 -1.84 6.94 -7.69
C VAL A 24 -2.69 7.41 -8.85
N ALA A 25 -3.97 7.68 -8.57
CA ALA A 25 -4.88 8.15 -9.60
C ALA A 25 -4.49 9.54 -10.09
N ASP A 26 -4.54 10.52 -9.19
CA ASP A 26 -4.18 11.89 -9.54
C ASP A 26 -2.77 11.96 -10.11
N GLY A 27 -1.95 10.98 -9.76
CA GLY A 27 -0.58 10.95 -10.26
C GLY A 27 0.44 11.21 -9.17
N GLU A 28 0.10 10.83 -7.94
CA GLU A 28 1.00 11.02 -6.81
C GLU A 28 1.88 9.80 -6.58
N ASP A 29 3.10 10.04 -6.13
CA ASP A 29 4.04 8.95 -5.87
C ASP A 29 3.53 8.08 -4.72
N PRO A 30 3.21 6.80 -5.00
CA PRO A 30 2.71 5.88 -3.98
C PRO A 30 3.61 5.82 -2.76
N LYS A 31 4.92 5.89 -2.99
CA LYS A 31 5.90 5.84 -1.90
C LYS A 31 5.49 6.78 -0.77
N ASP A 32 5.08 7.98 -1.14
CA ASP A 32 4.59 8.94 -0.16
C ASP A 32 3.31 8.43 0.47
N VAL A 33 2.46 7.82 -0.35
CA VAL A 33 1.21 7.25 0.13
C VAL A 33 1.49 6.19 1.18
N LEU A 34 2.48 5.33 0.91
CA LEU A 34 2.86 4.29 1.86
C LEU A 34 3.06 4.88 3.25
N ASP A 35 3.72 6.03 3.28
CA ASP A 35 3.93 6.73 4.55
C ASP A 35 2.59 7.00 5.22
N ASP A 36 1.58 7.26 4.40
CA ASP A 36 0.23 7.51 4.88
C ASP A 36 -0.50 6.19 5.15
N LEU A 37 -0.36 5.25 4.23
CA LEU A 37 -0.99 3.93 4.35
C LEU A 37 -0.74 3.35 5.74
N GLY A 38 0.52 3.36 6.16
CA GLY A 38 0.86 2.86 7.48
C GLY A 38 1.24 1.39 7.47
N LEU A 39 2.26 1.05 6.68
CA LEU A 39 2.72 -0.33 6.58
C LEU A 39 4.16 -0.46 7.07
N LYS A 40 4.37 -1.31 8.07
CA LYS A 40 5.70 -1.52 8.63
C LYS A 40 6.55 -2.41 7.74
N ARG A 41 7.87 -2.24 7.82
CA ARG A 41 8.80 -3.03 7.03
C ARG A 41 8.57 -2.80 5.54
N TYR A 42 9.67 -2.68 4.78
CA TYR A 42 9.59 -2.47 3.35
C TYR A 42 9.20 -3.75 2.63
N CYS A 43 9.41 -4.89 3.28
CA CYS A 43 9.05 -6.18 2.70
C CYS A 43 7.65 -6.16 2.13
N CYS A 44 6.80 -5.31 2.69
CA CYS A 44 5.42 -5.17 2.24
C CYS A 44 5.33 -4.18 1.09
N ARG A 45 5.68 -2.92 1.35
CA ARG A 45 5.61 -1.87 0.36
C ARG A 45 6.17 -2.32 -0.99
N ARG A 46 7.40 -2.84 -0.98
CA ARG A 46 8.07 -3.31 -2.20
C ARG A 46 7.10 -4.01 -3.14
N MET A 47 6.27 -4.87 -2.58
CA MET A 47 5.28 -5.59 -3.37
C MET A 47 4.07 -4.70 -3.65
N LEU A 48 3.72 -3.88 -2.66
CA LEU A 48 2.57 -2.99 -2.76
C LEU A 48 2.84 -1.83 -3.71
N ILE A 49 3.74 -0.93 -3.32
CA ILE A 49 4.06 0.25 -4.13
C ILE A 49 4.17 -0.10 -5.60
N SER A 50 4.59 -1.32 -5.89
CA SER A 50 4.74 -1.78 -7.26
C SER A 50 3.41 -2.26 -7.84
N HIS A 51 2.94 -3.41 -7.36
CA HIS A 51 1.69 -3.98 -7.84
C HIS A 51 0.48 -3.46 -7.06
N VAL A 52 0.30 -3.99 -5.85
CA VAL A 52 -0.83 -3.60 -5.00
C VAL A 52 -2.13 -3.45 -5.82
N GLU A 53 -2.25 -4.26 -6.86
CA GLU A 53 -3.42 -4.21 -7.72
C GLU A 53 -3.48 -2.88 -8.49
N THR A 54 -4.66 -2.53 -8.98
CA THR A 54 -4.84 -1.29 -9.73
C THR A 54 -4.24 -1.40 -11.13
N TRP A 55 -4.13 -2.63 -11.63
CA TRP A 55 -3.58 -2.87 -12.95
C TRP A 55 -2.23 -2.17 -13.12
N MET A 1 -7.09 -6.96 0.87
CA MET A 1 -5.67 -7.26 1.04
C MET A 1 -5.38 -8.72 0.71
N ILE A 2 -4.16 -8.98 0.28
CA ILE A 2 -3.74 -10.33 -0.07
C ILE A 2 -3.26 -11.09 1.17
N PRO A 3 -3.68 -12.35 1.33
CA PRO A 3 -3.26 -13.18 2.46
C PRO A 3 -1.86 -13.73 2.24
N VAL A 4 -1.35 -14.50 3.19
CA VAL A 4 -0.04 -15.10 3.03
C VAL A 4 1.05 -14.03 2.97
N ARG A 5 1.15 -13.39 1.81
CA ARG A 5 2.15 -12.37 1.56
C ARG A 5 2.15 -11.30 2.65
N CYS A 6 2.97 -10.27 2.45
CA CYS A 6 3.11 -9.18 3.41
C CYS A 6 2.46 -7.91 2.89
N LEU A 7 1.22 -7.68 3.33
CA LEU A 7 0.49 -6.49 2.96
C LEU A 7 -0.13 -5.88 4.21
N SER A 8 0.63 -5.91 5.30
CA SER A 8 0.18 -5.38 6.58
C SER A 8 1.35 -5.25 7.55
N CYS A 9 1.89 -6.39 7.96
CA CYS A 9 3.02 -6.42 8.88
C CYS A 9 2.64 -5.92 10.26
N GLY A 10 1.35 -5.94 10.57
CA GLY A 10 0.89 -5.50 11.87
C GLY A 10 -0.34 -4.61 11.78
N LYS A 11 -0.54 -3.99 10.63
CA LYS A 11 -1.66 -3.10 10.43
C LYS A 11 -2.35 -3.37 9.09
N PRO A 12 -3.64 -3.03 8.98
CA PRO A 12 -4.41 -3.22 7.76
C PRO A 12 -4.03 -2.22 6.67
N VAL A 13 -3.79 -2.72 5.47
CA VAL A 13 -3.43 -1.87 4.35
C VAL A 13 -4.62 -1.65 3.40
N SER A 14 -5.64 -2.49 3.54
CA SER A 14 -6.83 -2.38 2.70
C SER A 14 -7.52 -1.03 2.89
N ALA A 15 -7.84 -0.72 4.14
CA ALA A 15 -8.51 0.54 4.46
C ALA A 15 -7.70 1.72 3.93
N TYR A 16 -6.38 1.57 3.91
CA TYR A 16 -5.49 2.62 3.44
C TYR A 16 -5.29 2.56 1.93
N PHE A 17 -5.45 1.37 1.36
CA PHE A 17 -5.29 1.17 -0.08
C PHE A 17 -6.06 2.25 -0.85
N ASN A 18 -7.17 2.69 -0.28
CA ASN A 18 -7.98 3.74 -0.89
C ASN A 18 -7.16 4.99 -1.10
N GLU A 19 -6.21 5.22 -0.20
CA GLU A 19 -5.32 6.37 -0.29
C GLU A 19 -4.35 6.21 -1.45
N TYR A 20 -3.67 5.07 -1.49
CA TYR A 20 -2.74 4.76 -2.57
C TYR A 20 -3.44 4.90 -3.92
N GLN A 21 -4.60 4.28 -4.03
CA GLN A 21 -5.39 4.31 -5.25
C GLN A 21 -5.73 5.76 -5.61
N ARG A 22 -6.36 6.46 -4.68
CA ARG A 22 -6.72 7.85 -4.89
C ARG A 22 -5.51 8.66 -5.34
N ARG A 23 -4.43 8.57 -4.57
CA ARG A 23 -3.20 9.28 -4.87
C ARG A 23 -2.64 8.85 -6.22
N VAL A 24 -2.17 7.60 -6.30
CA VAL A 24 -1.60 7.07 -7.52
C VAL A 24 -2.52 7.35 -8.72
N ALA A 25 -3.81 7.37 -8.46
CA ALA A 25 -4.80 7.61 -9.52
C ALA A 25 -4.54 8.94 -10.20
N ASP A 26 -4.57 10.02 -9.42
CA ASP A 26 -4.33 11.35 -9.95
C ASP A 26 -2.90 11.50 -10.47
N GLY A 27 -1.94 11.21 -9.61
CA GLY A 27 -0.55 11.31 -10.00
C GLY A 27 0.36 11.70 -8.85
N GLU A 28 0.11 11.12 -7.68
CA GLU A 28 0.90 11.43 -6.49
C GLU A 28 1.90 10.31 -6.19
N ASP A 29 3.04 10.69 -5.64
CA ASP A 29 4.07 9.71 -5.28
C ASP A 29 3.52 8.68 -4.31
N PRO A 30 3.34 7.43 -4.77
CA PRO A 30 2.82 6.35 -3.93
C PRO A 30 3.68 6.14 -2.69
N LYS A 31 5.00 6.18 -2.88
CA LYS A 31 5.94 6.01 -1.77
C LYS A 31 5.54 6.89 -0.60
N ASP A 32 5.14 8.13 -0.90
CA ASP A 32 4.67 9.04 0.13
C ASP A 32 3.39 8.49 0.75
N VAL A 33 2.51 7.97 -0.10
CA VAL A 33 1.26 7.37 0.36
C VAL A 33 1.56 6.25 1.35
N LEU A 34 2.57 5.43 1.03
CA LEU A 34 2.96 4.33 1.90
C LEU A 34 3.19 4.84 3.32
N ASP A 35 3.83 5.99 3.43
CA ASP A 35 4.06 6.60 4.72
C ASP A 35 2.74 6.84 5.42
N ASP A 36 1.70 7.12 4.64
CA ASP A 36 0.37 7.35 5.17
C ASP A 36 -0.38 6.03 5.35
N LEU A 37 -0.25 5.15 4.36
CA LEU A 37 -0.89 3.84 4.41
C LEU A 37 -0.64 3.16 5.75
N GLY A 38 0.56 3.36 6.28
CA GLY A 38 0.92 2.77 7.55
C GLY A 38 0.97 1.25 7.49
N LEU A 39 1.90 0.73 6.69
CA LEU A 39 2.05 -0.71 6.54
C LEU A 39 3.32 -1.21 7.24
N LYS A 40 4.27 -0.31 7.43
CA LYS A 40 5.53 -0.67 8.08
C LYS A 40 6.25 -1.77 7.31
N ARG A 41 7.56 -1.84 7.48
CA ARG A 41 8.38 -2.84 6.79
C ARG A 41 8.18 -2.77 5.29
N TYR A 42 9.21 -2.33 4.58
CA TYR A 42 9.15 -2.21 3.13
C TYR A 42 8.84 -3.54 2.47
N CYS A 43 9.08 -4.64 3.19
CA CYS A 43 8.81 -5.97 2.65
C CYS A 43 7.41 -6.03 2.05
N CYS A 44 6.51 -5.20 2.60
CA CYS A 44 5.15 -5.11 2.08
C CYS A 44 5.07 -4.09 0.95
N ARG A 45 5.46 -2.86 1.26
CA ARG A 45 5.42 -1.77 0.28
C ARG A 45 5.99 -2.21 -1.06
N ARG A 46 7.23 -2.68 -1.06
CA ARG A 46 7.90 -3.11 -2.29
C ARG A 46 6.96 -3.91 -3.18
N MET A 47 6.17 -4.77 -2.55
CA MET A 47 5.22 -5.59 -3.29
C MET A 47 3.98 -4.80 -3.64
N LEU A 48 3.63 -3.83 -2.80
CA LEU A 48 2.46 -3.01 -3.00
C LEU A 48 2.74 -1.87 -3.97
N ILE A 49 3.58 -0.92 -3.57
CA ILE A 49 3.91 0.25 -4.39
C ILE A 49 4.13 -0.14 -5.85
N SER A 50 4.59 -1.37 -6.06
CA SER A 50 4.84 -1.86 -7.41
C SER A 50 3.58 -2.43 -8.04
N HIS A 51 3.10 -3.55 -7.51
CA HIS A 51 1.93 -4.22 -8.06
C HIS A 51 0.63 -3.68 -7.46
N VAL A 52 0.31 -4.14 -6.24
CA VAL A 52 -0.91 -3.75 -5.53
C VAL A 52 -2.10 -3.51 -6.48
N GLU A 53 -2.97 -4.50 -6.59
CA GLU A 53 -4.13 -4.42 -7.47
C GLU A 53 -5.08 -3.31 -7.06
N THR A 54 -5.68 -3.47 -5.88
CA THR A 54 -6.66 -2.50 -5.38
C THR A 54 -7.90 -2.47 -6.26
N TRP A 55 -9.07 -2.45 -5.63
CA TRP A 55 -10.33 -2.43 -6.36
C TRP A 55 -11.48 -2.04 -5.45
N MET A 1 -6.26 -5.70 -0.41
CA MET A 1 -5.02 -6.31 0.05
C MET A 1 -4.93 -7.76 -0.41
N ILE A 2 -4.05 -8.52 0.23
CA ILE A 2 -3.85 -9.93 -0.10
C ILE A 2 -4.13 -10.83 1.10
N PRO A 3 -4.80 -11.96 0.89
CA PRO A 3 -5.09 -12.93 1.95
C PRO A 3 -3.89 -13.80 2.24
N VAL A 4 -2.76 -13.17 2.51
CA VAL A 4 -1.46 -13.82 2.69
C VAL A 4 -0.36 -12.82 2.31
N ARG A 5 0.90 -13.16 2.62
CA ARG A 5 2.03 -12.29 2.31
C ARG A 5 2.16 -11.17 3.33
N CYS A 6 2.92 -10.13 2.97
CA CYS A 6 3.14 -8.99 3.84
C CYS A 6 2.54 -7.73 3.26
N LEU A 7 1.34 -7.41 3.71
CA LEU A 7 0.63 -6.21 3.29
C LEU A 7 0.03 -5.52 4.50
N SER A 8 0.79 -5.48 5.59
CA SER A 8 0.32 -4.87 6.82
C SER A 8 1.45 -4.82 7.86
N CYS A 9 1.88 -5.99 8.31
CA CYS A 9 2.95 -6.08 9.31
C CYS A 9 2.46 -5.56 10.66
N GLY A 10 1.15 -5.61 10.87
CA GLY A 10 0.58 -5.13 12.11
C GLY A 10 -0.41 -4.00 11.90
N LYS A 11 -0.34 -3.36 10.75
CA LYS A 11 -1.21 -2.23 10.44
C LYS A 11 -1.94 -2.45 9.12
N PRO A 12 -3.23 -2.84 9.18
CA PRO A 12 -4.04 -3.07 7.99
C PRO A 12 -3.78 -2.05 6.89
N VAL A 13 -3.63 -2.53 5.66
CA VAL A 13 -3.35 -1.66 4.52
C VAL A 13 -4.58 -1.53 3.62
N SER A 14 -5.43 -2.55 3.64
CA SER A 14 -6.64 -2.56 2.81
C SER A 14 -7.41 -1.25 2.93
N ALA A 15 -7.69 -0.85 4.16
CA ALA A 15 -8.44 0.38 4.41
C ALA A 15 -7.70 1.60 3.86
N TYR A 16 -6.38 1.52 3.83
CA TYR A 16 -5.55 2.61 3.35
C TYR A 16 -5.35 2.54 1.84
N PHE A 17 -5.47 1.34 1.28
CA PHE A 17 -5.32 1.15 -0.16
C PHE A 17 -6.08 2.22 -0.94
N ASN A 18 -7.16 2.72 -0.34
CA ASN A 18 -7.97 3.76 -0.97
C ASN A 18 -7.12 5.01 -1.19
N GLU A 19 -6.28 5.31 -0.20
CA GLU A 19 -5.40 6.48 -0.29
C GLU A 19 -4.46 6.33 -1.49
N TYR A 20 -3.80 5.18 -1.57
CA TYR A 20 -2.89 4.90 -2.68
C TYR A 20 -3.63 5.05 -4.01
N GLN A 21 -4.80 4.44 -4.07
CA GLN A 21 -5.62 4.51 -5.29
C GLN A 21 -5.92 5.95 -5.65
N ARG A 22 -6.61 6.65 -4.75
CA ARG A 22 -6.93 8.06 -4.96
C ARG A 22 -5.68 8.84 -5.32
N ARG A 23 -4.62 8.66 -4.54
CA ARG A 23 -3.36 9.34 -4.78
C ARG A 23 -2.78 8.93 -6.14
N VAL A 24 -2.31 7.70 -6.22
CA VAL A 24 -1.73 7.18 -7.46
C VAL A 24 -2.63 7.48 -8.66
N ALA A 25 -3.92 7.58 -8.40
CA ALA A 25 -4.90 7.85 -9.46
C ALA A 25 -4.59 9.16 -10.16
N ASP A 26 -4.51 10.25 -9.39
CA ASP A 26 -4.21 11.56 -9.94
C ASP A 26 -2.76 11.64 -10.40
N GLY A 27 -1.84 11.52 -9.44
CA GLY A 27 -0.43 11.58 -9.76
C GLY A 27 0.45 11.90 -8.57
N GLU A 28 0.10 11.35 -7.41
CA GLU A 28 0.87 11.57 -6.20
C GLU A 28 1.83 10.42 -5.94
N ASP A 29 3.05 10.76 -5.54
CA ASP A 29 4.07 9.75 -5.26
C ASP A 29 3.52 8.69 -4.30
N PRO A 30 3.32 7.46 -4.79
CA PRO A 30 2.79 6.37 -3.96
C PRO A 30 3.67 6.12 -2.74
N LYS A 31 4.98 6.12 -2.95
CA LYS A 31 5.93 5.91 -1.86
C LYS A 31 5.57 6.78 -0.66
N ASP A 32 5.22 8.03 -0.95
CA ASP A 32 4.79 8.95 0.09
C ASP A 32 3.50 8.44 0.71
N VAL A 33 2.61 7.93 -0.13
CA VAL A 33 1.36 7.36 0.33
C VAL A 33 1.62 6.22 1.29
N LEU A 34 2.55 5.35 0.93
CA LEU A 34 2.92 4.21 1.78
C LEU A 34 3.18 4.68 3.19
N ASP A 35 3.82 5.84 3.32
CA ASP A 35 4.09 6.41 4.63
C ASP A 35 2.77 6.71 5.35
N ASP A 36 1.76 7.10 4.57
CA ASP A 36 0.44 7.39 5.11
C ASP A 36 -0.36 6.09 5.29
N LEU A 37 -0.27 5.22 4.28
CA LEU A 37 -0.96 3.93 4.32
C LEU A 37 -0.76 3.25 5.66
N GLY A 38 0.49 3.23 6.13
CA GLY A 38 0.80 2.64 7.41
C GLY A 38 1.46 1.29 7.30
N LEU A 39 2.51 1.20 6.48
CA LEU A 39 3.22 -0.05 6.30
C LEU A 39 4.72 0.16 6.47
N LYS A 40 5.15 0.23 7.73
CA LYS A 40 6.56 0.45 8.06
C LYS A 40 7.47 -0.44 7.23
N ARG A 41 7.57 -1.71 7.62
CA ARG A 41 8.42 -2.67 6.92
C ARG A 41 8.23 -2.58 5.41
N TYR A 42 9.30 -2.24 4.70
CA TYR A 42 9.25 -2.13 3.26
C TYR A 42 8.94 -3.47 2.60
N CYS A 43 9.18 -4.56 3.33
CA CYS A 43 8.92 -5.89 2.82
C CYS A 43 7.51 -5.97 2.20
N CYS A 44 6.62 -5.13 2.71
CA CYS A 44 5.26 -5.06 2.21
C CYS A 44 5.18 -4.08 1.04
N ARG A 45 5.66 -2.86 1.28
CA ARG A 45 5.64 -1.81 0.26
C ARG A 45 6.17 -2.34 -1.08
N ARG A 46 7.41 -2.81 -1.07
CA ARG A 46 8.04 -3.32 -2.28
C ARG A 46 7.08 -4.17 -3.11
N MET A 47 6.20 -4.89 -2.44
CA MET A 47 5.22 -5.73 -3.11
C MET A 47 3.97 -4.95 -3.46
N LEU A 48 3.66 -3.95 -2.65
CA LEU A 48 2.46 -3.14 -2.86
C LEU A 48 2.71 -2.03 -3.88
N ILE A 49 3.56 -1.08 -3.51
CA ILE A 49 3.86 0.06 -4.38
C ILE A 49 4.05 -0.37 -5.83
N SER A 50 4.55 -1.58 -6.02
CA SER A 50 4.80 -2.11 -7.36
C SER A 50 3.52 -2.63 -8.00
N HIS A 51 3.05 -3.78 -7.52
CA HIS A 51 1.86 -4.41 -8.08
C HIS A 51 0.59 -3.90 -7.41
N VAL A 52 0.33 -4.38 -6.19
CA VAL A 52 -0.87 -4.02 -5.42
C VAL A 52 -2.10 -3.85 -6.32
N GLU A 53 -2.93 -4.90 -6.37
CA GLU A 53 -4.14 -4.87 -7.19
C GLU A 53 -4.93 -3.59 -6.98
N THR A 54 -4.79 -2.66 -7.91
CA THR A 54 -5.50 -1.38 -7.83
C THR A 54 -5.62 -0.74 -9.21
N TRP A 55 -6.78 -0.93 -9.85
CA TRP A 55 -7.02 -0.38 -11.17
C TRP A 55 -7.93 0.85 -11.09
#